data_4GON
#
_entry.id   4GON
#
_cell.length_a   161.315
_cell.length_b   161.315
_cell.length_c   95.134
_cell.angle_alpha   90.00
_cell.angle_beta   90.00
_cell.angle_gamma   120.00
#
_symmetry.space_group_name_H-M   'P 31 2 1'
#
loop_
_entity.id
_entity.type
_entity.pdbx_description
1 polymer 'DNA adenine methylase'
2 non-polymer "5'-{[(3S)-3-amino-3-carboxypropyl][2-(1H-indol-3-yl)ethyl]amino}-5'-deoxyadenosine"
3 water water
#
_entity_poly.entity_id   1
_entity_poly.type   'polypeptide(L)'
_entity_poly.pdbx_seq_one_letter_code
;MKKNRAFLKWAGGKYPLLDDIKRHLPKGECLVEPFVGAGSVFLNTDFSRYILADINSDLISLYNIVKMRTDEYVQAAREL
FVPETNCAEVYYQFREEFNKSQDPFRRAVLFLYLNRYGYNGLCRYNLRGEFNVPFGRYKKPYFPEAELYHFAEKAQNAFF
YCESYADSMARADDASVVYCDPPYAPLSATANFTAYHTNSFTLEQQAHLAEIAEGLVERHIPVLISNHDTMLTREWYQRA
KLHVVKVRRSISSNGGTRKKVDELLALYKPGVVSPAKK
;
_entity_poly.pdbx_strand_id   D,E,F
#
loop_
_chem_comp.id
_chem_comp.type
_chem_comp.name
_chem_comp.formula
0Y1 non-polymer 5'-{[(3S)-3-amino-3-carboxypropyl][2-(1H-indol-3-yl)ethyl]amino}-5'-deoxyadenosine 'C24 H30 N8 O5'
#
# COMPACT_ATOMS: atom_id res chain seq x y z
N LYS A 3 -4.64 30.19 -17.95
CA LYS A 3 -4.42 28.76 -18.41
C LYS A 3 -5.59 28.30 -19.25
N ASN A 4 -5.32 27.94 -20.49
CA ASN A 4 -6.32 27.33 -21.32
C ASN A 4 -6.57 25.91 -20.88
N ARG A 5 -7.83 25.54 -20.72
CA ARG A 5 -8.19 24.22 -20.23
C ARG A 5 -8.40 23.23 -21.38
N ALA A 6 -8.31 21.94 -21.03
CA ALA A 6 -8.46 20.82 -21.96
C ALA A 6 -9.91 20.36 -22.11
N PHE A 7 -10.40 20.10 -23.29
CA PHE A 7 -11.74 19.53 -23.29
C PHE A 7 -11.96 18.19 -22.59
N LEU A 8 -10.92 17.38 -22.43
CA LEU A 8 -11.03 16.14 -21.65
C LEU A 8 -10.67 16.32 -20.20
N LYS A 9 -11.36 15.64 -19.30
CA LYS A 9 -10.91 15.59 -17.88
C LYS A 9 -9.74 14.63 -17.76
N TRP A 10 -8.62 15.02 -17.14
CA TRP A 10 -7.50 14.03 -16.97
C TRP A 10 -7.26 13.44 -15.58
N ALA A 11 -8.00 12.37 -15.29
CA ALA A 11 -8.19 11.90 -13.92
C ALA A 11 -8.48 13.17 -13.03
N GLY A 12 -9.40 14.02 -13.54
CA GLY A 12 -9.60 15.40 -13.05
C GLY A 12 -8.29 16.20 -12.96
N GLY A 13 -7.60 16.36 -14.10
CA GLY A 13 -6.25 17.00 -14.17
C GLY A 13 -6.11 18.38 -13.52
N LYS A 14 -5.04 18.57 -12.76
CA LYS A 14 -4.94 19.81 -12.00
C LYS A 14 -4.01 20.89 -12.58
N TYR A 15 -3.24 20.53 -13.63
CA TYR A 15 -2.22 21.40 -14.24
C TYR A 15 -1.23 21.90 -13.19
N PRO A 16 -0.89 21.04 -12.20
CA PRO A 16 -0.10 21.59 -11.09
C PRO A 16 1.34 21.90 -11.53
N LEU A 17 1.83 21.21 -12.55
CA LEU A 17 3.20 21.43 -12.93
C LEU A 17 3.35 22.46 -14.03
N LEU A 18 2.24 22.97 -14.56
CA LEU A 18 2.31 23.79 -15.76
C LEU A 18 3.36 24.85 -15.73
N ASP A 19 3.37 25.64 -14.66
CA ASP A 19 4.33 26.73 -14.51
C ASP A 19 5.77 26.25 -14.66
N ASP A 20 6.15 25.27 -13.86
CA ASP A 20 7.51 24.74 -13.93
C ASP A 20 7.87 24.02 -15.25
N ILE A 21 6.94 23.27 -15.82
CA ILE A 21 7.22 22.71 -17.12
C ILE A 21 7.67 23.87 -18.06
N LYS A 22 6.85 24.93 -18.13
CA LYS A 22 7.14 26.11 -18.94
C LYS A 22 8.45 26.83 -18.55
N ARG A 23 8.69 27.06 -17.25
CA ARG A 23 10.00 27.54 -16.78
C ARG A 23 11.18 26.82 -17.47
N HIS A 24 11.21 25.48 -17.37
CA HIS A 24 12.33 24.68 -17.86
C HIS A 24 12.32 24.22 -19.33
N LEU A 25 11.15 24.22 -19.97
CA LEU A 25 11.06 23.71 -21.33
C LEU A 25 11.80 24.61 -22.31
N PRO A 26 12.87 24.11 -22.96
CA PRO A 26 13.67 24.97 -23.86
C PRO A 26 12.79 25.41 -24.96
N LYS A 27 13.33 26.16 -25.93
CA LYS A 27 12.46 26.60 -27.05
C LYS A 27 12.91 26.13 -28.45
N GLY A 28 11.97 26.11 -29.40
CA GLY A 28 12.26 25.66 -30.74
C GLY A 28 11.10 25.90 -31.67
N GLU A 29 11.25 25.50 -32.92
CA GLU A 29 10.16 25.54 -33.89
C GLU A 29 9.03 24.55 -33.54
N CYS A 30 9.41 23.39 -33.00
CA CYS A 30 8.47 22.27 -32.94
C CYS A 30 8.50 21.52 -31.60
N LEU A 31 7.33 21.16 -31.09
CA LEU A 31 7.26 20.39 -29.85
C LEU A 31 6.73 19.02 -30.12
N VAL A 32 7.46 18.00 -29.62
CA VAL A 32 7.09 16.59 -29.84
C VAL A 32 6.59 16.06 -28.52
N GLU A 33 5.32 15.63 -28.44
CA GLU A 33 4.79 15.03 -27.21
C GLU A 33 4.50 13.51 -27.34
N PRO A 34 5.36 12.69 -26.75
CA PRO A 34 5.10 11.24 -26.98
C PRO A 34 3.96 10.71 -26.10
N PHE A 35 3.62 11.45 -25.07
CA PHE A 35 2.46 11.08 -24.29
C PHE A 35 1.41 12.22 -24.17
N VAL A 36 0.75 12.66 -25.26
CA VAL A 36 -0.10 13.87 -25.13
C VAL A 36 -1.12 13.82 -24.05
N GLY A 37 -1.72 12.64 -23.83
CA GLY A 37 -2.85 12.53 -22.97
C GLY A 37 -3.78 13.67 -23.34
N ALA A 38 -4.09 14.52 -22.37
CA ALA A 38 -5.21 15.44 -22.57
C ALA A 38 -4.85 16.71 -23.28
N GLY A 39 -3.58 17.04 -23.39
CA GLY A 39 -3.16 18.24 -24.12
C GLY A 39 -2.66 19.46 -23.30
N SER A 40 -2.68 19.40 -21.98
CA SER A 40 -2.45 20.64 -21.29
C SER A 40 -1.18 21.40 -21.71
N VAL A 41 -0.19 20.74 -22.28
CA VAL A 41 1.07 21.42 -22.53
C VAL A 41 1.01 22.01 -23.91
N PHE A 42 0.47 21.19 -24.81
CA PHE A 42 0.10 21.63 -26.13
C PHE A 42 -0.66 22.97 -25.98
N LEU A 43 -1.84 22.87 -25.34
CA LEU A 43 -2.73 23.97 -25.21
C LEU A 43 -2.18 25.19 -24.44
N ASN A 44 -0.99 25.07 -23.82
CA ASN A 44 -0.41 26.22 -23.11
C ASN A 44 0.99 26.70 -23.49
N THR A 45 1.29 26.66 -24.78
CA THR A 45 2.62 26.90 -25.26
C THR A 45 2.44 27.52 -26.63
N ASP A 46 3.48 28.21 -27.12
CA ASP A 46 3.37 28.87 -28.41
C ASP A 46 4.38 28.36 -29.47
N PHE A 47 4.24 27.11 -29.85
CA PHE A 47 5.18 26.53 -30.80
C PHE A 47 4.66 26.73 -32.21
N SER A 48 5.55 26.97 -33.12
CA SER A 48 5.12 27.02 -34.49
C SER A 48 4.43 25.70 -35.03
N ARG A 49 4.86 24.51 -34.55
CA ARG A 49 4.31 23.16 -34.96
C ARG A 49 4.31 22.23 -33.75
N TYR A 50 3.44 21.23 -33.81
CA TYR A 50 3.45 20.19 -32.78
C TYR A 50 3.42 18.83 -33.42
N ILE A 51 4.16 17.91 -32.83
CA ILE A 51 3.94 16.53 -33.18
C ILE A 51 3.48 15.84 -31.91
N LEU A 52 2.28 15.26 -31.99
CA LEU A 52 1.57 14.76 -30.81
C LEU A 52 1.12 13.27 -30.94
N ALA A 53 1.49 12.46 -29.96
CA ALA A 53 1.31 11.02 -30.14
C ALA A 53 0.93 10.36 -28.84
N ASP A 54 0.23 9.23 -28.93
CA ASP A 54 -0.17 8.44 -27.78
C ASP A 54 -0.44 6.99 -28.25
N ILE A 55 -0.23 5.98 -27.39
CA ILE A 55 -0.66 4.68 -27.87
C ILE A 55 -2.11 4.57 -27.89
N ASN A 56 -2.84 5.40 -27.17
CA ASN A 56 -4.28 5.20 -27.13
C ASN A 56 -4.97 5.51 -28.47
N SER A 57 -5.58 4.53 -29.12
CA SER A 57 -6.08 4.87 -30.43
C SER A 57 -7.43 5.67 -30.40
N ASP A 58 -8.17 5.63 -29.29
CA ASP A 58 -9.43 6.35 -29.28
C ASP A 58 -9.15 7.86 -29.09
N LEU A 59 -8.12 8.18 -28.31
CA LEU A 59 -7.65 9.51 -28.14
C LEU A 59 -7.26 10.06 -29.49
N ILE A 60 -6.44 9.34 -30.25
CA ILE A 60 -5.87 9.90 -31.48
C ILE A 60 -6.92 10.02 -32.60
N SER A 61 -7.80 9.04 -32.67
CA SER A 61 -8.88 9.16 -33.61
C SER A 61 -9.77 10.37 -33.27
N LEU A 62 -10.07 10.62 -32.00
CA LEU A 62 -10.89 11.76 -31.61
C LEU A 62 -10.16 13.03 -32.03
N TYR A 63 -8.91 13.17 -31.63
CA TYR A 63 -8.23 14.39 -31.96
C TYR A 63 -8.25 14.65 -33.47
N ASN A 64 -8.08 13.63 -34.33
CA ASN A 64 -8.06 13.96 -35.74
C ASN A 64 -9.43 14.45 -36.21
N ILE A 65 -10.45 13.88 -35.62
CA ILE A 65 -11.77 14.30 -35.97
C ILE A 65 -12.02 15.75 -35.52
N VAL A 66 -11.52 16.12 -34.36
CA VAL A 66 -11.74 17.46 -33.85
C VAL A 66 -10.93 18.44 -34.65
N LYS A 67 -9.80 18.04 -35.20
CA LYS A 67 -9.07 18.94 -36.05
C LYS A 67 -9.73 19.12 -37.42
N MET A 68 -10.22 18.03 -38.01
CA MET A 68 -10.68 17.96 -39.41
C MET A 68 -12.13 18.31 -39.54
N ARG A 69 -13.00 17.72 -38.73
CA ARG A 69 -14.44 17.99 -38.88
C ARG A 69 -15.03 18.74 -37.71
N THR A 70 -14.44 19.89 -37.35
CA THR A 70 -14.83 20.52 -36.10
C THR A 70 -16.32 20.74 -35.89
N ASP A 71 -16.98 21.55 -36.73
CA ASP A 71 -18.40 21.92 -36.47
C ASP A 71 -19.30 20.70 -36.48
N GLU A 72 -19.00 19.73 -37.33
CA GLU A 72 -19.84 18.58 -37.35
C GLU A 72 -19.67 17.82 -36.00
N TYR A 73 -18.44 17.78 -35.49
CA TYR A 73 -18.20 17.14 -34.21
C TYR A 73 -19.04 17.76 -33.11
N VAL A 74 -18.87 19.08 -32.93
CA VAL A 74 -19.50 19.73 -31.78
C VAL A 74 -21.04 19.67 -31.80
N GLN A 75 -21.61 19.74 -33.00
CA GLN A 75 -23.00 19.55 -33.08
C GLN A 75 -23.43 18.17 -32.65
N ALA A 76 -22.73 17.10 -33.09
CA ALA A 76 -23.15 15.71 -32.76
C ALA A 76 -22.91 15.39 -31.28
N ALA A 77 -21.83 15.90 -30.73
CA ALA A 77 -21.55 15.69 -29.35
C ALA A 77 -22.49 16.42 -28.41
N ARG A 78 -22.97 17.62 -28.81
CA ARG A 78 -23.75 18.44 -27.87
C ARG A 78 -25.08 17.76 -27.56
N GLU A 79 -25.67 17.12 -28.55
CA GLU A 79 -26.82 16.24 -28.34
C GLU A 79 -26.68 15.32 -27.11
N LEU A 80 -25.54 14.69 -26.89
CA LEU A 80 -25.43 13.76 -25.77
C LEU A 80 -25.39 14.42 -24.40
N PHE A 81 -25.32 15.78 -24.36
CA PHE A 81 -25.30 16.49 -23.08
C PHE A 81 -26.65 17.06 -22.61
N VAL A 82 -27.74 16.73 -23.29
CA VAL A 82 -29.09 17.16 -22.84
C VAL A 82 -29.44 16.48 -21.52
N PRO A 83 -30.50 16.95 -20.81
CA PRO A 83 -30.50 16.39 -19.45
C PRO A 83 -31.04 14.95 -19.39
N GLU A 84 -31.76 14.52 -20.42
CA GLU A 84 -32.35 13.17 -20.49
C GLU A 84 -31.31 12.00 -20.52
N THR A 85 -30.05 12.31 -20.32
CA THR A 85 -29.00 11.48 -20.72
C THR A 85 -28.16 11.19 -19.47
N ASN A 86 -28.53 11.87 -18.40
CA ASN A 86 -27.77 11.89 -17.17
C ASN A 86 -28.42 10.99 -16.11
N CYS A 87 -28.57 9.72 -16.46
CA CYS A 87 -28.85 8.66 -15.51
C CYS A 87 -28.11 7.36 -15.91
N ALA A 88 -27.93 6.48 -14.91
CA ALA A 88 -27.34 5.18 -15.10
C ALA A 88 -27.96 4.42 -16.31
N GLU A 89 -29.29 4.40 -16.50
CA GLU A 89 -29.79 3.64 -17.63
C GLU A 89 -29.12 4.10 -18.90
N VAL A 90 -28.85 5.39 -19.03
CA VAL A 90 -28.38 5.86 -20.31
C VAL A 90 -26.88 5.72 -20.41
N TYR A 91 -26.17 5.99 -19.34
CA TYR A 91 -24.74 5.78 -19.37
C TYR A 91 -24.42 4.35 -19.87
N TYR A 92 -25.05 3.33 -19.30
CA TYR A 92 -24.69 1.94 -19.64
C TYR A 92 -25.11 1.59 -21.07
N GLN A 93 -26.19 2.19 -21.56
CA GLN A 93 -26.59 1.97 -22.94
C GLN A 93 -25.56 2.55 -23.90
N PHE A 94 -25.12 3.79 -23.60
CA PHE A 94 -24.09 4.47 -24.40
C PHE A 94 -22.72 3.75 -24.31
N ARG A 95 -22.32 3.28 -23.13
CA ARG A 95 -21.07 2.50 -23.00
C ARG A 95 -21.14 1.24 -23.89
N GLU A 96 -22.26 0.53 -23.82
CA GLU A 96 -22.41 -0.65 -24.62
C GLU A 96 -22.32 -0.28 -26.12
N GLU A 97 -23.01 0.80 -26.51
CA GLU A 97 -23.03 1.17 -27.89
C GLU A 97 -21.63 1.49 -28.39
N PHE A 98 -20.83 2.09 -27.51
CA PHE A 98 -19.45 2.49 -27.87
C PHE A 98 -18.54 1.25 -28.16
N ASN A 99 -18.40 0.39 -27.19
CA ASN A 99 -17.82 -0.93 -27.39
C ASN A 99 -18.28 -1.76 -28.61
N LYS A 100 -19.53 -1.59 -29.07
CA LYS A 100 -20.01 -2.41 -30.20
C LYS A 100 -19.92 -1.71 -31.53
N SER A 101 -19.52 -0.46 -31.52
CA SER A 101 -19.52 0.35 -32.71
C SER A 101 -18.27 0.09 -33.52
N GLN A 102 -18.38 0.16 -34.85
CA GLN A 102 -17.18 0.20 -35.69
C GLN A 102 -17.04 1.55 -36.46
N ASP A 103 -17.89 2.53 -36.13
CA ASP A 103 -17.81 3.80 -36.82
C ASP A 103 -16.98 4.80 -35.98
N PRO A 104 -15.81 5.19 -36.48
CA PRO A 104 -14.93 6.06 -35.72
C PRO A 104 -15.58 7.39 -35.31
N PHE A 105 -16.27 8.08 -36.20
CA PHE A 105 -16.93 9.33 -35.82
C PHE A 105 -17.97 9.13 -34.70
N ARG A 106 -18.87 8.16 -34.85
CA ARG A 106 -19.79 7.91 -33.75
C ARG A 106 -19.04 7.60 -32.43
N ARG A 107 -17.91 6.87 -32.55
CA ARG A 107 -17.14 6.42 -31.40
C ARG A 107 -16.51 7.65 -30.68
N ALA A 108 -16.00 8.61 -31.44
CA ALA A 108 -15.51 9.84 -30.88
C ALA A 108 -16.59 10.72 -30.15
N VAL A 109 -17.82 10.68 -30.62
CA VAL A 109 -18.89 11.40 -29.99
C VAL A 109 -19.20 10.75 -28.68
N LEU A 110 -19.39 9.44 -28.68
CA LEU A 110 -19.58 8.68 -27.42
C LEU A 110 -18.37 8.78 -26.48
N PHE A 111 -17.13 8.82 -27.00
CA PHE A 111 -15.98 8.90 -26.09
C PHE A 111 -16.04 10.11 -25.14
N LEU A 112 -16.48 11.29 -25.63
CA LEU A 112 -16.55 12.53 -24.79
C LEU A 112 -17.64 12.43 -23.74
N TYR A 113 -18.77 11.85 -24.11
CA TYR A 113 -19.82 11.62 -23.15
C TYR A 113 -19.28 10.79 -21.95
N LEU A 114 -18.60 9.66 -22.28
CA LEU A 114 -17.96 8.84 -21.29
C LEU A 114 -16.93 9.55 -20.45
N ASN A 115 -16.03 10.32 -21.08
CA ASN A 115 -15.06 11.06 -20.29
C ASN A 115 -15.79 11.95 -19.29
N ARG A 116 -16.94 12.53 -19.67
CA ARG A 116 -17.53 13.60 -18.81
C ARG A 116 -18.57 13.10 -17.82
N TYR A 117 -19.16 11.95 -18.15
CA TYR A 117 -20.22 11.38 -17.30
C TYR A 117 -19.78 10.17 -16.45
N GLY A 118 -18.51 9.80 -16.60
CA GLY A 118 -18.04 8.57 -16.04
C GLY A 118 -17.25 8.91 -14.82
N TYR A 119 -16.99 7.91 -14.01
CA TYR A 119 -16.35 8.04 -12.71
C TYR A 119 -14.98 8.64 -12.74
N ASN A 120 -14.76 9.72 -12.00
CA ASN A 120 -13.47 10.41 -11.93
C ASN A 120 -12.86 10.68 -13.31
N GLY A 121 -13.69 10.61 -14.34
CA GLY A 121 -13.23 10.76 -15.71
C GLY A 121 -12.05 9.89 -16.07
N LEU A 122 -12.06 8.65 -15.60
CA LEU A 122 -11.04 7.70 -16.02
C LEU A 122 -11.21 7.27 -17.48
N CYS A 123 -10.13 6.76 -18.04
CA CYS A 123 -10.20 6.02 -19.27
C CYS A 123 -9.59 4.61 -19.05
N ARG A 124 -10.39 3.54 -18.98
CA ARG A 124 -9.87 2.18 -18.75
C ARG A 124 -10.57 1.08 -19.53
N TYR A 125 -9.81 0.04 -19.89
CA TYR A 125 -10.36 -1.08 -20.63
C TYR A 125 -10.20 -2.40 -19.86
N ASN A 126 -11.18 -3.30 -19.92
CA ASN A 126 -10.98 -4.60 -19.31
C ASN A 126 -10.16 -5.51 -20.27
N LEU A 127 -10.13 -6.82 -19.97
CA LEU A 127 -9.25 -7.73 -20.74
C LEU A 127 -9.71 -8.01 -22.19
N ARG A 128 -11.00 -7.83 -22.45
CA ARG A 128 -11.53 -8.00 -23.76
C ARG A 128 -11.34 -6.73 -24.57
N GLY A 129 -10.61 -5.76 -24.01
CA GLY A 129 -10.50 -4.45 -24.67
C GLY A 129 -11.75 -3.52 -24.73
N GLU A 130 -12.84 -3.83 -23.99
CA GLU A 130 -14.03 -3.01 -23.84
C GLU A 130 -13.84 -1.90 -22.79
N PHE A 131 -14.50 -0.74 -23.00
CA PHE A 131 -14.32 0.47 -22.13
C PHE A 131 -15.05 0.16 -20.84
N ASN A 132 -14.31 0.24 -19.75
CA ASN A 132 -14.61 -0.42 -18.46
C ASN A 132 -15.18 0.47 -17.33
N VAL A 133 -15.17 1.79 -17.50
CA VAL A 133 -15.40 2.72 -16.36
C VAL A 133 -16.90 2.76 -16.02
N PRO A 134 -17.30 2.81 -14.73
CA PRO A 134 -18.75 2.92 -14.46
C PRO A 134 -19.25 4.35 -14.41
N PHE A 135 -20.55 4.50 -14.29
CA PHE A 135 -21.22 5.79 -14.09
C PHE A 135 -20.71 6.59 -12.86
N GLY A 136 -20.26 7.85 -13.09
CA GLY A 136 -19.73 8.74 -12.01
C GLY A 136 -20.80 9.49 -11.22
N ARG A 137 -22.06 9.38 -11.62
CA ARG A 137 -23.16 10.18 -10.99
C ARG A 137 -22.91 11.72 -10.68
N TYR A 138 -22.48 12.50 -11.67
CA TYR A 138 -22.26 13.97 -11.42
C TYR A 138 -23.55 14.74 -11.53
N LYS A 139 -23.66 15.81 -10.73
CA LYS A 139 -24.83 16.72 -10.85
C LYS A 139 -25.12 17.24 -12.27
N LYS A 140 -24.16 17.85 -12.94
CA LYS A 140 -24.47 18.53 -14.19
C LYS A 140 -23.18 18.60 -14.94
N PRO A 141 -22.96 17.68 -15.88
CA PRO A 141 -21.66 17.89 -16.53
C PRO A 141 -21.71 19.05 -17.54
N TYR A 142 -20.52 19.58 -17.73
CA TYR A 142 -20.25 20.77 -18.41
C TYR A 142 -19.91 20.32 -19.84
N PHE A 143 -20.68 20.79 -20.80
CA PHE A 143 -20.31 20.55 -22.16
C PHE A 143 -19.21 21.51 -22.57
N PRO A 144 -17.98 21.02 -22.88
CA PRO A 144 -16.83 21.95 -23.07
C PRO A 144 -16.71 22.55 -24.48
N GLU A 145 -17.79 23.17 -24.95
CA GLU A 145 -17.78 23.82 -26.28
C GLU A 145 -16.61 24.79 -26.54
N ALA A 146 -16.32 25.69 -25.61
CA ALA A 146 -15.28 26.69 -25.91
C ALA A 146 -13.98 25.95 -26.13
N GLU A 147 -13.67 25.02 -25.20
CA GLU A 147 -12.42 24.21 -25.18
C GLU A 147 -12.29 23.34 -26.44
N LEU A 148 -13.36 22.67 -26.85
CA LEU A 148 -13.37 22.10 -28.18
C LEU A 148 -12.89 23.09 -29.22
N TYR A 149 -13.53 24.25 -29.40
CA TYR A 149 -13.07 25.15 -30.50
C TYR A 149 -11.64 25.58 -30.30
N HIS A 150 -11.24 25.80 -29.08
CA HIS A 150 -9.88 26.24 -28.83
C HIS A 150 -8.85 25.17 -29.32
N PHE A 151 -9.20 23.89 -29.11
CA PHE A 151 -8.33 22.79 -29.40
C PHE A 151 -8.18 22.69 -30.91
N ALA A 152 -9.26 22.94 -31.63
CA ALA A 152 -9.23 22.83 -33.11
C ALA A 152 -8.41 23.90 -33.75
N GLU A 153 -8.40 25.09 -33.17
CA GLU A 153 -7.68 26.21 -33.79
C GLU A 153 -6.25 25.75 -33.71
N LYS A 154 -5.86 25.44 -32.47
CA LYS A 154 -4.53 24.98 -32.19
C LYS A 154 -4.06 23.68 -32.93
N ALA A 155 -4.98 22.76 -33.22
CA ALA A 155 -4.61 21.56 -33.95
C ALA A 155 -4.19 21.85 -35.37
N GLN A 156 -4.59 23.02 -35.90
CA GLN A 156 -4.19 23.45 -37.27
C GLN A 156 -2.66 23.44 -37.46
N ASN A 157 -1.91 23.59 -36.38
CA ASN A 157 -0.48 23.46 -36.46
C ASN A 157 0.07 22.20 -35.83
N ALA A 158 -0.71 21.12 -35.91
CA ALA A 158 -0.31 19.90 -35.24
C ALA A 158 -0.60 18.65 -36.03
N PHE A 159 0.31 17.67 -35.93
CA PHE A 159 0.00 16.33 -36.38
C PHE A 159 -0.21 15.36 -35.22
N PHE A 160 -1.22 14.51 -35.35
CA PHE A 160 -1.50 13.47 -34.39
C PHE A 160 -1.16 12.05 -34.87
N TYR A 161 -0.42 11.32 -34.03
CA TYR A 161 -0.02 9.94 -34.34
C TYR A 161 -0.37 8.91 -33.30
N CYS A 162 -0.97 7.79 -33.73
CA CYS A 162 -1.12 6.65 -32.78
C CYS A 162 0.11 5.68 -32.84
N GLU A 163 1.00 5.73 -31.86
CA GLU A 163 2.37 5.19 -31.93
C GLU A 163 2.93 5.17 -30.52
N SER A 164 3.80 4.20 -30.23
CA SER A 164 4.53 4.20 -28.98
C SER A 164 5.71 5.19 -28.91
N TYR A 165 6.08 5.55 -27.69
CA TYR A 165 7.08 6.56 -27.45
C TYR A 165 8.28 6.50 -28.34
N ALA A 166 8.79 5.31 -28.68
CA ALA A 166 10.00 5.25 -29.55
C ALA A 166 9.75 5.71 -30.97
N ASP A 167 8.56 5.54 -31.51
CA ASP A 167 8.42 6.02 -32.86
C ASP A 167 8.17 7.53 -32.90
N SER A 168 7.45 8.06 -31.91
CA SER A 168 7.14 9.47 -31.94
C SER A 168 8.46 10.18 -31.73
N MET A 169 9.26 9.62 -30.86
CA MET A 169 10.52 10.25 -30.48
C MET A 169 11.52 10.19 -31.59
N ALA A 170 11.37 9.29 -32.55
CA ALA A 170 12.29 9.32 -33.67
C ALA A 170 11.85 10.30 -34.73
N ARG A 171 10.69 10.94 -34.61
CA ARG A 171 10.45 12.04 -35.59
C ARG A 171 11.15 13.36 -35.21
N ALA A 172 11.65 13.51 -33.97
CA ALA A 172 12.31 14.76 -33.56
C ALA A 172 13.47 15.06 -34.47
N ASP A 173 13.72 16.36 -34.71
CA ASP A 173 14.94 16.74 -35.44
C ASP A 173 15.60 17.95 -34.82
N ASP A 174 16.61 18.49 -35.50
CA ASP A 174 17.47 19.47 -34.82
C ASP A 174 16.73 20.76 -34.41
N ALA A 175 15.58 21.00 -35.04
CA ALA A 175 14.65 22.07 -34.67
C ALA A 175 13.60 21.71 -33.60
N SER A 176 13.61 20.50 -33.05
CA SER A 176 12.52 20.04 -32.20
C SER A 176 12.84 20.10 -30.73
N VAL A 177 11.81 20.04 -29.89
CA VAL A 177 11.96 19.92 -28.44
C VAL A 177 11.01 18.83 -28.06
N VAL A 178 11.43 17.99 -27.15
CA VAL A 178 10.70 16.79 -26.83
C VAL A 178 10.26 16.87 -25.38
N TYR A 179 8.96 16.71 -25.12
CA TYR A 179 8.44 16.72 -23.73
C TYR A 179 7.65 15.49 -23.40
N CYS A 180 8.09 14.81 -22.34
CA CYS A 180 7.60 13.47 -22.01
C CYS A 180 6.90 13.45 -20.69
N ASP A 181 5.67 12.94 -20.71
CA ASP A 181 4.88 12.75 -19.46
C ASP A 181 4.39 11.30 -19.41
N PRO A 182 5.32 10.34 -19.15
CA PRO A 182 5.02 8.89 -19.16
C PRO A 182 4.12 8.62 -17.99
N PRO A 183 3.40 7.47 -17.97
CA PRO A 183 2.69 7.00 -16.77
C PRO A 183 3.66 6.94 -15.61
N TYR A 184 3.17 7.36 -14.46
CA TYR A 184 4.01 7.56 -13.28
C TYR A 184 4.76 6.27 -12.88
N ALA A 185 6.03 6.42 -12.54
CA ALA A 185 6.76 5.41 -11.79
C ALA A 185 5.98 5.04 -10.52
N PRO A 186 6.10 3.78 -10.04
CA PRO A 186 5.48 3.29 -8.76
C PRO A 186 5.94 4.06 -7.52
N LEU A 187 5.13 4.08 -6.46
CA LEU A 187 5.61 4.71 -5.21
C LEU A 187 6.33 3.76 -4.24
N ASN A 199 -0.88 -5.08 -19.64
CA ASN A 199 -1.39 -3.84 -19.00
C ASN A 199 -0.35 -2.67 -18.91
N SER A 200 0.12 -2.44 -17.69
CA SER A 200 1.06 -1.40 -17.33
C SER A 200 2.17 -1.01 -18.33
N PHE A 201 2.84 0.06 -17.95
CA PHE A 201 4.00 0.60 -18.61
C PHE A 201 5.02 0.09 -17.64
N THR A 202 5.90 -0.76 -18.12
CA THR A 202 6.80 -1.53 -17.28
C THR A 202 8.00 -0.70 -16.88
N LEU A 203 8.81 -1.22 -15.95
CA LEU A 203 10.00 -0.47 -15.55
C LEU A 203 11.03 -0.51 -16.64
N GLU A 204 10.94 -1.51 -17.50
CA GLU A 204 11.92 -1.65 -18.60
C GLU A 204 11.69 -0.47 -19.54
N GLN A 205 10.41 -0.20 -19.81
CA GLN A 205 10.02 0.97 -20.59
C GLN A 205 10.52 2.26 -19.91
N GLN A 206 10.31 2.42 -18.61
CA GLN A 206 10.84 3.59 -17.95
C GLN A 206 12.32 3.82 -18.25
N ALA A 207 13.19 2.84 -17.97
CA ALA A 207 14.61 3.01 -18.34
C ALA A 207 14.82 3.21 -19.82
N HIS A 208 14.04 2.50 -20.62
CA HIS A 208 14.17 2.64 -22.06
C HIS A 208 14.00 4.11 -22.52
N LEU A 209 12.96 4.79 -21.99
CA LEU A 209 12.67 6.17 -22.32
C LEU A 209 13.89 7.09 -22.05
N ALA A 210 14.44 7.03 -20.83
CA ALA A 210 15.61 7.84 -20.49
C ALA A 210 16.77 7.58 -21.43
N GLU A 211 16.87 6.36 -21.89
CA GLU A 211 18.00 6.01 -22.72
C GLU A 211 17.82 6.62 -24.12
N ILE A 212 16.57 6.73 -24.59
CA ILE A 212 16.30 7.40 -25.87
C ILE A 212 16.59 8.90 -25.74
N ALA A 213 16.13 9.46 -24.62
CA ALA A 213 16.47 10.82 -24.20
C ALA A 213 17.94 11.12 -24.36
N GLU A 214 18.81 10.28 -23.80
CA GLU A 214 20.28 10.41 -23.94
C GLU A 214 20.72 10.41 -25.37
N GLY A 215 20.12 9.54 -26.18
CA GLY A 215 20.49 9.46 -27.58
C GLY A 215 20.22 10.79 -28.23
N LEU A 216 19.05 11.38 -27.92
CA LEU A 216 18.66 12.65 -28.55
C LEU A 216 19.52 13.82 -28.12
N VAL A 217 19.75 14.00 -26.82
CA VAL A 217 20.53 15.19 -26.40
C VAL A 217 21.94 15.19 -27.05
N GLU A 218 22.39 14.01 -27.41
CA GLU A 218 23.63 13.86 -28.12
C GLU A 218 23.49 14.41 -29.54
N ARG A 219 22.34 14.19 -30.19
CA ARG A 219 22.14 14.77 -31.54
C ARG A 219 21.68 16.23 -31.47
N HIS A 220 21.73 16.79 -30.25
CA HIS A 220 21.48 18.24 -29.96
C HIS A 220 20.00 18.63 -29.78
N ILE A 221 19.11 17.64 -29.75
CA ILE A 221 17.71 17.85 -29.49
C ILE A 221 17.41 17.81 -27.98
N PRO A 222 16.90 18.91 -27.38
CA PRO A 222 16.67 18.88 -25.90
C PRO A 222 15.45 18.04 -25.54
N VAL A 223 15.42 17.53 -24.31
CA VAL A 223 14.34 16.66 -23.88
C VAL A 223 14.11 17.01 -22.47
N LEU A 224 12.84 17.00 -22.05
CA LEU A 224 12.48 17.23 -20.66
C LEU A 224 11.41 16.23 -20.25
N ILE A 225 11.67 15.55 -19.12
CA ILE A 225 10.82 14.49 -18.61
C ILE A 225 10.30 14.82 -17.23
N SER A 226 9.00 14.57 -16.98
CA SER A 226 8.44 14.65 -15.63
C SER A 226 7.94 13.30 -15.11
N ASN A 227 8.12 13.09 -13.81
CA ASN A 227 7.75 11.86 -13.11
C ASN A 227 7.78 12.21 -11.62
N HIS A 228 7.28 11.32 -10.74
CA HIS A 228 7.52 11.38 -9.29
C HIS A 228 8.98 11.40 -8.99
N ASP A 229 9.34 12.07 -7.91
CA ASP A 229 10.72 12.01 -7.43
C ASP A 229 10.88 10.80 -6.47
N THR A 230 11.58 9.77 -6.95
CA THR A 230 11.85 8.53 -6.18
C THR A 230 13.22 7.97 -6.52
N MET A 231 13.62 6.96 -5.76
CA MET A 231 14.96 6.40 -5.93
C MET A 231 15.17 5.88 -7.34
N LEU A 232 14.15 5.21 -7.86
CA LEU A 232 14.23 4.65 -9.16
C LEU A 232 14.33 5.77 -10.21
N THR A 233 13.58 6.85 -10.03
CA THR A 233 13.60 7.86 -11.11
C THR A 233 14.85 8.69 -11.16
N ARG A 234 15.50 8.94 -10.03
CA ARG A 234 16.82 9.58 -10.08
C ARG A 234 17.91 8.71 -10.72
N GLU A 235 17.80 7.38 -10.57
CA GLU A 235 18.69 6.42 -11.26
C GLU A 235 18.51 6.53 -12.76
N TRP A 236 17.27 6.34 -13.19
CA TRP A 236 16.93 6.43 -14.59
C TRP A 236 17.36 7.72 -15.24
N TYR A 237 17.14 8.88 -14.58
CA TYR A 237 17.49 10.18 -15.21
C TYR A 237 18.84 10.76 -14.78
N GLN A 238 19.77 9.89 -14.39
CA GLN A 238 21.03 10.32 -13.78
C GLN A 238 21.91 11.26 -14.61
N ARG A 239 21.74 11.31 -15.93
CA ARG A 239 22.53 12.21 -16.76
C ARG A 239 21.76 13.50 -17.07
N ALA A 240 20.65 13.72 -16.38
CA ALA A 240 19.88 14.93 -16.59
C ALA A 240 20.19 15.90 -15.48
N LYS A 241 19.90 17.17 -15.70
CA LYS A 241 19.87 18.09 -14.61
C LYS A 241 18.51 17.93 -13.91
N LEU A 242 18.51 17.90 -12.58
CA LEU A 242 17.26 17.59 -11.87
C LEU A 242 16.64 18.71 -11.07
N HIS A 243 15.37 19.02 -11.34
CA HIS A 243 14.66 20.03 -10.57
C HIS A 243 13.54 19.38 -9.79
N VAL A 244 13.57 19.55 -8.48
CA VAL A 244 12.50 19.06 -7.57
C VAL A 244 11.37 20.11 -7.45
N VAL A 245 10.18 19.69 -7.01
CA VAL A 245 8.98 20.52 -7.04
C VAL A 245 7.91 19.97 -6.07
N LYS A 246 7.30 20.86 -5.27
CA LYS A 246 6.12 20.50 -4.48
C LYS A 246 4.86 21.17 -5.04
N VAL A 261 3.12 13.02 -3.38
CA VAL A 261 4.45 13.35 -2.89
C VAL A 261 5.15 14.47 -3.70
N ASP A 262 6.47 14.38 -3.84
CA ASP A 262 7.27 15.34 -4.63
C ASP A 262 7.31 14.99 -6.13
N GLU A 263 7.63 15.97 -6.95
CA GLU A 263 7.61 15.80 -8.37
C GLU A 263 8.95 16.22 -8.93
N LEU A 264 9.37 15.56 -10.01
CA LEU A 264 10.71 15.75 -10.55
C LEU A 264 10.58 16.08 -12.02
N LEU A 265 11.32 17.07 -12.45
CA LEU A 265 11.51 17.32 -13.86
C LEU A 265 12.98 17.06 -14.18
N ALA A 266 13.21 16.32 -15.26
CA ALA A 266 14.53 15.96 -15.64
C ALA A 266 14.82 16.67 -16.93
N LEU A 267 15.91 17.42 -17.00
CA LEU A 267 16.19 18.17 -18.21
C LEU A 267 17.50 17.81 -18.89
N TYR A 268 17.39 17.37 -20.14
CA TYR A 268 18.56 17.06 -20.94
C TYR A 268 18.89 18.29 -21.81
N LYS A 269 19.89 19.08 -21.40
CA LYS A 269 20.27 20.33 -22.11
C LYS A 269 21.51 20.11 -22.91
N PRO A 270 21.50 20.50 -24.18
CA PRO A 270 22.83 20.52 -24.83
C PRO A 270 23.62 21.77 -24.47
N LYS B 3 25.22 11.13 23.96
CA LYS B 3 24.67 10.87 22.59
C LYS B 3 25.81 10.68 21.58
N ASN B 4 26.22 9.45 21.32
CA ASN B 4 27.32 9.20 20.37
C ASN B 4 26.85 8.87 18.96
N ARG B 5 27.35 9.60 17.98
CA ARG B 5 26.93 9.38 16.61
C ARG B 5 27.72 8.27 15.91
N ALA B 6 27.04 7.58 15.00
CA ALA B 6 27.64 6.57 14.12
C ALA B 6 28.35 7.30 13.01
N PHE B 7 29.48 6.81 12.56
CA PHE B 7 30.06 7.48 11.42
C PHE B 7 29.29 7.28 10.10
N LEU B 8 28.53 6.20 10.01
CA LEU B 8 27.67 5.94 8.82
C LEU B 8 26.26 6.54 9.01
N LYS B 9 25.69 7.17 7.99
CA LYS B 9 24.33 7.71 8.05
C LYS B 9 23.32 6.60 7.93
N TRP B 10 22.32 6.59 8.78
CA TRP B 10 21.12 5.82 8.40
C TRP B 10 19.92 6.74 8.45
N ALA B 11 19.63 7.37 7.31
CA ALA B 11 18.53 8.34 7.17
C ALA B 11 17.19 7.64 7.36
N GLY B 12 17.26 6.41 7.89
CA GLY B 12 16.20 5.88 8.75
C GLY B 12 15.99 6.89 9.88
N GLY B 13 17.09 7.46 10.38
CA GLY B 13 17.10 8.39 11.53
C GLY B 13 16.66 7.69 12.81
N LYS B 14 17.27 6.53 13.11
CA LYS B 14 16.81 5.53 14.13
C LYS B 14 17.67 5.46 15.46
N TYR B 15 18.03 6.64 15.97
CA TYR B 15 18.73 6.86 17.24
C TYR B 15 17.80 7.37 18.38
N PRO B 16 16.47 7.49 18.12
CA PRO B 16 15.58 7.87 19.24
C PRO B 16 15.27 6.70 20.17
N LEU B 17 15.20 5.50 19.60
CA LEU B 17 14.92 4.30 20.37
C LEU B 17 15.95 4.02 21.42
N LEU B 18 17.13 4.52 21.17
CA LEU B 18 18.26 4.29 22.03
C LEU B 18 17.94 4.39 23.51
N ASP B 19 17.22 5.43 23.90
CA ASP B 19 16.82 5.63 25.31
C ASP B 19 16.01 4.43 25.88
N ASP B 20 15.02 3.99 25.12
CA ASP B 20 14.21 2.83 25.53
C ASP B 20 14.95 1.51 25.37
N ILE B 21 15.80 1.41 24.34
CA ILE B 21 16.73 0.26 24.22
C ILE B 21 17.58 0.11 25.49
N LYS B 22 18.25 1.18 25.90
CA LYS B 22 19.12 1.12 27.10
C LYS B 22 18.40 0.81 28.43
N ARG B 23 17.18 1.34 28.64
CA ARG B 23 16.41 0.94 29.82
C ARG B 23 16.24 -0.56 29.83
N HIS B 24 15.82 -1.13 28.70
CA HIS B 24 15.34 -2.49 28.72
C HIS B 24 16.41 -3.55 28.56
N LEU B 25 17.57 -3.14 28.05
CA LEU B 25 18.71 -4.02 27.84
C LEU B 25 19.41 -4.52 29.13
N PRO B 26 19.39 -5.83 29.43
CA PRO B 26 20.03 -6.32 30.66
C PRO B 26 21.53 -6.04 30.72
N LYS B 27 22.21 -6.58 31.74
CA LYS B 27 23.62 -6.27 31.91
C LYS B 27 24.45 -7.51 31.80
N GLY B 28 25.70 -7.36 31.36
CA GLY B 28 26.58 -8.52 31.26
C GLY B 28 27.96 -8.10 30.81
N GLU B 29 28.86 -9.08 30.73
CA GLU B 29 30.20 -8.87 30.19
C GLU B 29 30.24 -8.56 28.67
N CYS B 30 29.46 -9.28 27.86
CA CYS B 30 29.61 -9.22 26.42
C CYS B 30 28.30 -8.86 25.74
N LEU B 31 28.35 -8.04 24.69
CA LEU B 31 27.16 -7.81 23.92
C LEU B 31 27.29 -8.41 22.50
N VAL B 32 26.40 -9.33 22.11
CA VAL B 32 26.43 -9.85 20.72
C VAL B 32 25.40 -9.10 19.92
N GLU B 33 25.78 -8.48 18.82
CA GLU B 33 24.83 -7.80 17.92
C GLU B 33 24.82 -8.53 16.53
N PRO B 34 23.84 -9.42 16.27
CA PRO B 34 23.84 -10.18 15.01
C PRO B 34 23.52 -9.32 13.81
N PHE B 35 22.99 -8.11 14.07
CA PHE B 35 22.57 -7.20 13.01
C PHE B 35 23.17 -5.79 13.18
N VAL B 36 24.51 -5.65 13.19
CA VAL B 36 25.14 -4.46 13.77
C VAL B 36 24.77 -3.18 13.02
N GLY B 37 24.73 -3.27 11.69
CA GLY B 37 24.54 -2.10 10.84
C GLY B 37 25.42 -0.99 11.33
N ALA B 38 24.88 0.22 11.42
CA ALA B 38 25.65 1.43 11.68
C ALA B 38 26.27 1.51 13.08
N GLY B 39 25.92 0.63 13.98
CA GLY B 39 26.66 0.59 15.22
C GLY B 39 26.13 1.30 16.45
N SER B 40 24.98 1.96 16.34
CA SER B 40 24.63 2.89 17.40
C SER B 40 24.49 2.21 18.73
N VAL B 41 23.93 1.01 18.82
CA VAL B 41 23.88 0.39 20.16
C VAL B 41 25.29 0.21 20.75
N PHE B 42 26.16 -0.44 20.00
CA PHE B 42 27.61 -0.59 20.35
C PHE B 42 28.32 0.73 20.78
N LEU B 43 28.09 1.83 20.07
CA LEU B 43 28.72 3.10 20.33
C LEU B 43 28.11 3.83 21.54
N ASN B 44 27.06 3.28 22.14
CA ASN B 44 26.36 4.00 23.22
C ASN B 44 26.10 3.08 24.40
N THR B 45 26.99 2.15 24.61
CA THR B 45 26.84 1.20 25.70
C THR B 45 28.23 0.98 26.24
N ASP B 46 28.31 0.33 27.40
CA ASP B 46 29.60 0.10 27.98
C ASP B 46 29.82 -1.35 28.41
N PHE B 47 29.82 -2.24 27.46
CA PHE B 47 30.09 -3.60 27.85
C PHE B 47 31.60 -3.74 27.81
N SER B 48 32.15 -4.75 28.46
CA SER B 48 33.61 -4.92 28.41
C SER B 48 34.14 -5.56 27.12
N ARG B 49 33.30 -6.30 26.40
CA ARG B 49 33.62 -6.76 25.00
C ARG B 49 32.37 -6.80 24.09
N TYR B 50 32.57 -6.98 22.80
CA TYR B 50 31.47 -6.94 21.86
C TYR B 50 31.79 -7.99 20.80
N ILE B 51 30.78 -8.79 20.45
CA ILE B 51 30.77 -9.60 19.24
C ILE B 51 29.79 -8.93 18.28
N LEU B 52 30.27 -8.49 17.11
CA LEU B 52 29.48 -7.66 16.18
C LEU B 52 29.40 -8.27 14.77
N ALA B 53 28.19 -8.59 14.32
CA ALA B 53 28.05 -9.44 13.16
C ALA B 53 27.06 -8.84 12.18
N ASP B 54 27.19 -9.21 10.89
CA ASP B 54 26.32 -8.72 9.82
C ASP B 54 26.57 -9.51 8.52
N ILE B 55 25.57 -9.57 7.64
CA ILE B 55 25.63 -10.47 6.51
C ILE B 55 26.41 -9.77 5.42
N ASN B 56 26.41 -8.45 5.52
CA ASN B 56 27.01 -7.53 4.56
C ASN B 56 28.58 -7.48 4.68
N SER B 57 29.26 -8.18 3.80
CA SER B 57 30.67 -8.30 3.95
C SER B 57 31.38 -6.94 3.66
N ASP B 58 30.75 -6.01 2.96
CA ASP B 58 31.38 -4.68 2.72
C ASP B 58 31.48 -3.95 4.08
N LEU B 59 30.37 -3.90 4.77
CA LEU B 59 30.32 -3.40 6.11
C LEU B 59 31.41 -4.02 7.03
N ILE B 60 31.50 -5.35 7.07
CA ILE B 60 32.45 -5.97 7.99
C ILE B 60 33.92 -5.67 7.59
N SER B 61 34.19 -5.68 6.29
CA SER B 61 35.46 -5.37 5.79
C SER B 61 35.79 -3.95 6.17
N LEU B 62 34.93 -2.99 5.81
CA LEU B 62 35.09 -1.60 6.27
C LEU B 62 35.45 -1.53 7.75
N TYR B 63 34.75 -2.28 8.60
CA TYR B 63 34.89 -2.03 9.99
C TYR B 63 36.20 -2.59 10.45
N ASN B 64 36.67 -3.69 9.87
CA ASN B 64 37.96 -4.23 10.32
C ASN B 64 39.06 -3.20 9.98
N ILE B 65 38.92 -2.57 8.80
CA ILE B 65 39.80 -1.55 8.32
C ILE B 65 39.80 -0.27 9.17
N VAL B 66 38.64 0.15 9.67
CA VAL B 66 38.67 1.32 10.56
C VAL B 66 39.36 0.93 11.88
N LYS B 67 39.26 -0.33 12.28
CA LYS B 67 39.75 -0.72 13.61
C LYS B 67 41.27 -0.85 13.63
N MET B 68 41.83 -1.37 12.53
CA MET B 68 43.19 -1.82 12.47
C MET B 68 44.08 -0.91 11.61
N ARG B 69 43.49 -0.10 10.73
CA ARG B 69 44.26 0.82 9.93
C ARG B 69 43.74 2.23 10.06
N THR B 70 43.38 2.60 11.29
CA THR B 70 42.79 3.89 11.54
C THR B 70 43.35 5.09 10.78
N ASP B 71 44.60 5.48 11.05
CA ASP B 71 45.09 6.75 10.56
C ASP B 71 45.23 6.72 9.06
N GLU B 72 45.77 5.64 8.53
CA GLU B 72 45.98 5.60 7.11
C GLU B 72 44.58 5.75 6.46
N TYR B 73 43.59 4.97 6.92
CA TYR B 73 42.22 5.12 6.48
C TYR B 73 41.67 6.55 6.57
N VAL B 74 41.69 7.17 7.76
CA VAL B 74 41.01 8.45 7.95
C VAL B 74 41.61 9.48 6.98
N GLN B 75 42.94 9.52 6.90
CA GLN B 75 43.63 10.42 6.01
C GLN B 75 43.21 10.15 4.57
N ALA B 76 43.36 8.92 4.07
CA ALA B 76 42.87 8.54 2.72
C ALA B 76 41.39 8.91 2.36
N ALA B 77 40.47 8.80 3.33
CA ALA B 77 39.05 9.02 3.06
C ALA B 77 38.64 10.49 2.96
N ARG B 78 39.20 11.35 3.82
CA ARG B 78 38.93 12.80 3.78
C ARG B 78 39.17 13.45 2.42
N GLU B 79 40.08 12.90 1.64
CA GLU B 79 40.38 13.43 0.34
C GLU B 79 39.12 13.54 -0.45
N LEU B 80 38.17 12.67 -0.13
CA LEU B 80 37.00 12.49 -0.96
C LEU B 80 35.86 13.38 -0.52
N PHE B 81 36.09 14.25 0.45
CA PHE B 81 35.07 15.20 0.87
C PHE B 81 35.21 16.66 0.38
N VAL B 82 36.21 16.89 -0.43
CA VAL B 82 36.40 18.21 -1.00
C VAL B 82 35.25 18.45 -2.01
N PRO B 83 34.81 19.72 -2.21
CA PRO B 83 33.54 19.83 -2.91
C PRO B 83 33.61 19.66 -4.44
N GLU B 84 34.81 19.46 -4.98
CA GLU B 84 34.99 18.93 -6.37
C GLU B 84 34.16 17.67 -6.61
N THR B 85 33.87 16.93 -5.52
CA THR B 85 33.12 15.65 -5.58
C THR B 85 31.63 15.74 -5.26
N ASN B 86 31.12 16.92 -4.89
CA ASN B 86 29.70 17.02 -4.59
C ASN B 86 28.78 17.23 -5.80
N CYS B 87 28.90 16.36 -6.80
CA CYS B 87 28.03 16.34 -7.97
C CYS B 87 27.82 14.94 -8.60
N ALA B 88 26.66 14.74 -9.20
CA ALA B 88 26.33 13.52 -9.91
C ALA B 88 27.44 12.87 -10.74
N GLU B 89 28.11 13.60 -11.65
CA GLU B 89 29.04 12.95 -12.61
C GLU B 89 30.13 12.18 -11.89
N VAL B 90 30.71 12.80 -10.87
CA VAL B 90 31.75 12.13 -10.09
C VAL B 90 31.19 11.19 -9.02
N TYR B 91 30.02 11.46 -8.47
CA TYR B 91 29.35 10.40 -7.74
C TYR B 91 29.25 9.08 -8.55
N TYR B 92 28.59 9.14 -9.71
CA TYR B 92 28.49 7.99 -10.66
C TYR B 92 29.87 7.46 -11.12
N GLN B 93 30.90 8.31 -10.99
CA GLN B 93 32.22 7.85 -11.38
C GLN B 93 32.78 6.96 -10.26
N PHE B 94 32.58 7.42 -9.03
CA PHE B 94 33.06 6.71 -7.87
C PHE B 94 32.31 5.37 -7.69
N ARG B 95 31.03 5.36 -8.07
CA ARG B 95 30.17 4.22 -7.84
C ARG B 95 30.72 3.12 -8.70
N GLU B 96 31.08 3.48 -9.93
CA GLU B 96 31.53 2.49 -10.84
C GLU B 96 32.88 1.94 -10.41
N GLU B 97 33.84 2.82 -10.06
CA GLU B 97 35.13 2.39 -9.56
C GLU B 97 34.85 1.35 -8.47
N PHE B 98 33.98 1.71 -7.54
CA PHE B 98 33.75 0.83 -6.41
C PHE B 98 33.33 -0.56 -6.90
N ASN B 99 32.30 -0.61 -7.72
CA ASN B 99 31.85 -1.88 -8.23
C ASN B 99 32.91 -2.63 -9.09
N LYS B 100 33.83 -1.91 -9.72
CA LYS B 100 34.97 -2.55 -10.43
C LYS B 100 36.11 -2.98 -9.52
N SER B 101 36.37 -2.27 -8.42
CA SER B 101 37.53 -2.50 -7.60
C SER B 101 37.68 -3.91 -7.03
N GLN B 102 38.93 -4.35 -6.83
CA GLN B 102 39.19 -5.61 -6.09
C GLN B 102 39.95 -5.36 -4.80
N ASP B 103 40.20 -4.08 -4.53
CA ASP B 103 40.97 -3.67 -3.40
C ASP B 103 40.15 -3.43 -2.13
N PRO B 104 40.25 -4.32 -1.15
CA PRO B 104 39.54 -4.05 0.10
C PRO B 104 39.64 -2.61 0.64
N PHE B 105 40.84 -2.03 0.72
CA PHE B 105 41.07 -0.67 1.29
C PHE B 105 40.37 0.46 0.48
N ARG B 106 40.69 0.53 -0.81
CA ARG B 106 40.04 1.50 -1.69
C ARG B 106 38.50 1.34 -1.62
N ARG B 107 38.02 0.10 -1.63
CA ARG B 107 36.61 -0.14 -1.52
C ARG B 107 36.03 0.47 -0.28
N ALA B 108 36.71 0.29 0.86
CA ALA B 108 36.19 0.76 2.14
C ALA B 108 36.15 2.26 2.09
N VAL B 109 37.14 2.84 1.41
CA VAL B 109 37.25 4.27 1.31
C VAL B 109 36.07 4.80 0.55
N LEU B 110 35.91 4.36 -0.69
CA LEU B 110 34.74 4.76 -1.50
C LEU B 110 33.42 4.44 -0.80
N PHE B 111 33.32 3.32 -0.11
CA PHE B 111 32.07 2.98 0.50
C PHE B 111 31.50 4.11 1.39
N LEU B 112 32.35 4.69 2.21
CA LEU B 112 31.98 5.79 3.09
C LEU B 112 31.46 7.01 2.25
N TYR B 113 32.07 7.23 1.10
CA TYR B 113 31.58 8.30 0.26
C TYR B 113 30.13 8.04 -0.18
N LEU B 114 29.85 6.80 -0.61
CA LEU B 114 28.50 6.43 -1.11
C LEU B 114 27.46 6.42 0.02
N ASN B 115 27.85 5.99 1.21
CA ASN B 115 27.00 6.27 2.38
C ASN B 115 26.60 7.71 2.55
N ARG B 116 27.54 8.63 2.33
CA ARG B 116 27.33 10.03 2.69
C ARG B 116 26.74 10.94 1.62
N TYR B 117 27.15 10.73 0.37
CA TYR B 117 26.62 11.50 -0.75
C TYR B 117 25.41 10.78 -1.40
N GLY B 118 25.00 9.67 -0.80
CA GLY B 118 24.03 8.77 -1.41
C GLY B 118 22.60 9.03 -0.98
N TYR B 119 21.71 8.78 -1.92
CA TYR B 119 20.30 8.90 -1.65
C TYR B 119 19.91 8.25 -0.34
N ASN B 120 19.57 9.10 0.62
CA ASN B 120 19.05 8.65 1.91
C ASN B 120 19.98 7.79 2.74
N GLY B 121 21.28 7.87 2.48
CA GLY B 121 22.24 6.95 3.10
C GLY B 121 21.84 5.48 2.98
N LEU B 122 21.07 5.19 1.95
CA LEU B 122 20.74 3.85 1.64
C LEU B 122 21.98 2.99 1.19
N CYS B 123 21.96 1.72 1.60
CA CYS B 123 22.90 0.72 1.12
C CYS B 123 22.14 -0.41 0.39
N ARG B 124 22.12 -0.43 -0.94
CA ARG B 124 21.43 -1.51 -1.67
C ARG B 124 22.24 -2.05 -2.83
N TYR B 125 21.96 -3.28 -3.23
CA TYR B 125 22.61 -3.89 -4.38
C TYR B 125 21.61 -4.41 -5.44
N ASN B 126 21.94 -4.32 -6.74
CA ASN B 126 21.15 -5.01 -7.78
C ASN B 126 21.29 -6.56 -7.77
N LEU B 127 20.62 -7.26 -8.70
CA LEU B 127 20.84 -8.72 -8.72
C LEU B 127 22.28 -9.06 -9.13
N ARG B 128 22.94 -8.17 -9.85
CA ARG B 128 24.23 -8.48 -10.34
C ARG B 128 25.28 -8.29 -9.27
N GLY B 129 24.87 -7.82 -8.08
CA GLY B 129 25.77 -7.57 -6.97
C GLY B 129 26.37 -6.17 -6.97
N GLU B 130 26.11 -5.36 -7.98
CA GLU B 130 26.59 -3.96 -8.02
C GLU B 130 25.83 -3.06 -7.03
N PHE B 131 26.57 -2.23 -6.27
CA PHE B 131 25.97 -1.22 -5.39
C PHE B 131 25.18 -0.27 -6.27
N ASN B 132 23.96 -0.02 -5.82
CA ASN B 132 22.77 0.38 -6.59
C ASN B 132 22.14 1.75 -6.35
N VAL B 133 22.47 2.38 -5.23
CA VAL B 133 21.86 3.65 -4.79
C VAL B 133 22.33 4.88 -5.62
N PRO B 134 21.41 5.81 -6.00
CA PRO B 134 21.76 7.07 -6.70
C PRO B 134 22.22 8.23 -5.80
N PHE B 135 22.72 9.30 -6.45
CA PHE B 135 23.06 10.58 -5.80
C PHE B 135 21.94 11.11 -4.88
N GLY B 136 22.27 11.89 -3.85
CA GLY B 136 21.26 12.40 -2.93
C GLY B 136 20.96 13.89 -2.99
N ARG B 137 21.75 14.63 -3.77
CA ARG B 137 21.84 16.13 -3.72
C ARG B 137 21.69 16.84 -2.34
N TYR B 138 22.53 16.43 -1.38
CA TYR B 138 22.53 17.00 -0.01
C TYR B 138 23.38 18.26 0.01
N LYS B 139 23.07 19.16 0.93
CA LYS B 139 23.70 20.51 0.97
C LYS B 139 25.25 20.44 0.91
N LYS B 140 25.90 20.07 2.02
CA LYS B 140 27.34 19.80 2.01
C LYS B 140 27.56 18.76 3.08
N PRO B 141 28.00 17.57 2.64
CA PRO B 141 28.14 16.43 3.55
C PRO B 141 29.31 16.63 4.48
N TYR B 142 29.11 16.17 5.70
CA TYR B 142 30.02 16.27 6.78
C TYR B 142 30.88 15.00 6.74
N PHE B 143 32.20 15.19 6.76
CA PHE B 143 33.16 14.10 6.91
C PHE B 143 33.29 13.76 8.38
N PRO B 144 32.90 12.55 8.80
CA PRO B 144 32.72 12.22 10.23
C PRO B 144 33.98 11.80 10.97
N GLU B 145 35.05 12.56 10.76
CA GLU B 145 36.34 12.47 11.48
C GLU B 145 36.32 12.08 12.95
N ALA B 146 35.56 12.83 13.75
CA ALA B 146 35.51 12.53 15.16
C ALA B 146 34.94 11.13 15.37
N GLU B 147 33.81 10.84 14.70
CA GLU B 147 33.09 9.57 14.91
C GLU B 147 33.91 8.36 14.45
N LEU B 148 34.65 8.53 13.34
CA LEU B 148 35.64 7.55 12.97
C LEU B 148 36.59 7.21 14.14
N TYR B 149 37.28 8.21 14.71
CA TYR B 149 38.19 7.88 15.82
C TYR B 149 37.44 7.23 16.99
N HIS B 150 36.29 7.75 17.37
CA HIS B 150 35.52 7.10 18.43
C HIS B 150 35.27 5.61 18.15
N PHE B 151 34.77 5.33 16.95
CA PHE B 151 34.53 3.98 16.51
C PHE B 151 35.78 3.16 16.71
N ALA B 152 36.88 3.64 16.14
CA ALA B 152 38.10 2.84 16.18
C ALA B 152 38.57 2.60 17.60
N GLU B 153 38.36 3.55 18.51
CA GLU B 153 38.85 3.38 19.88
C GLU B 153 38.03 2.37 20.58
N LYS B 154 36.72 2.48 20.38
CA LYS B 154 35.81 1.58 21.00
C LYS B 154 35.91 0.17 20.42
N ALA B 155 36.26 0.07 19.15
CA ALA B 155 36.44 -1.21 18.46
C ALA B 155 37.53 -2.15 19.04
N GLN B 156 38.41 -1.60 19.88
CA GLN B 156 39.52 -2.39 20.49
C GLN B 156 38.98 -3.45 21.43
N ASN B 157 37.78 -3.22 21.96
CA ASN B 157 37.09 -4.29 22.64
C ASN B 157 36.04 -5.08 21.81
N ALA B 158 36.16 -5.05 20.49
CA ALA B 158 35.17 -5.75 19.66
C ALA B 158 35.82 -6.74 18.67
N PHE B 159 35.18 -7.87 18.37
CA PHE B 159 35.50 -8.62 17.13
C PHE B 159 34.33 -8.50 16.20
N PHE B 160 34.61 -8.36 14.90
CA PHE B 160 33.59 -8.30 13.86
C PHE B 160 33.51 -9.54 12.98
N TYR B 161 32.33 -10.16 12.85
CA TYR B 161 32.19 -11.26 11.87
C TYR B 161 31.17 -11.01 10.79
N CYS B 162 31.42 -11.60 9.60
CA CYS B 162 30.50 -11.53 8.49
C CYS B 162 29.84 -12.88 8.33
N GLU B 163 28.60 -12.99 8.80
CA GLU B 163 27.81 -14.25 8.87
C GLU B 163 26.36 -13.93 9.24
N SER B 164 25.49 -14.94 9.10
CA SER B 164 24.07 -14.75 9.26
C SER B 164 23.67 -14.90 10.72
N TYR B 165 22.65 -14.16 11.14
CA TYR B 165 22.16 -14.14 12.51
C TYR B 165 22.27 -15.47 13.23
N ALA B 166 21.87 -16.55 12.58
CA ALA B 166 21.97 -17.87 13.30
C ALA B 166 23.38 -18.17 13.81
N ASP B 167 24.39 -17.94 12.96
CA ASP B 167 25.81 -18.21 13.35
C ASP B 167 26.37 -17.28 14.40
N SER B 168 26.08 -15.98 14.30
CA SER B 168 26.52 -15.08 15.36
C SER B 168 25.82 -15.37 16.65
N MET B 169 24.53 -15.69 16.60
CA MET B 169 23.82 -16.04 17.82
C MET B 169 24.37 -17.31 18.52
N ALA B 170 25.01 -18.21 17.79
CA ALA B 170 25.56 -19.33 18.50
C ALA B 170 26.83 -18.92 19.31
N ARG B 171 27.41 -17.75 19.03
CA ARG B 171 28.63 -17.44 19.74
C ARG B 171 28.37 -17.06 21.20
N ALA B 172 27.14 -16.62 21.49
CA ALA B 172 26.72 -16.15 22.82
C ALA B 172 26.93 -17.20 23.93
N ASP B 173 27.19 -16.74 25.15
CA ASP B 173 27.45 -17.63 26.29
C ASP B 173 26.81 -17.13 27.61
N ASP B 174 27.04 -17.83 28.72
CA ASP B 174 26.38 -17.49 30.02
C ASP B 174 26.64 -16.06 30.37
N ALA B 175 27.82 -15.57 29.99
CA ALA B 175 28.15 -14.16 30.22
C ALA B 175 27.65 -13.09 29.18
N SER B 176 27.04 -13.53 28.07
CA SER B 176 26.62 -12.66 26.96
C SER B 176 25.22 -12.05 27.13
N VAL B 177 24.94 -11.02 26.32
CA VAL B 177 23.59 -10.49 26.13
C VAL B 177 23.40 -10.23 24.67
N VAL B 178 22.30 -10.71 24.10
CA VAL B 178 22.08 -10.50 22.65
C VAL B 178 21.08 -9.36 22.40
N TYR B 179 21.35 -8.48 21.44
CA TYR B 179 20.38 -7.51 21.01
C TYR B 179 20.23 -7.63 19.51
N CYS B 180 18.98 -7.58 19.02
CA CYS B 180 18.72 -7.78 17.61
C CYS B 180 17.93 -6.65 17.01
N ASP B 181 18.44 -6.11 15.92
CA ASP B 181 17.74 -5.11 15.14
C ASP B 181 17.57 -5.68 13.70
N PRO B 182 16.63 -6.65 13.48
CA PRO B 182 16.56 -7.33 12.15
C PRO B 182 16.00 -6.36 11.23
N PRO B 183 16.08 -6.57 9.92
CA PRO B 183 15.33 -5.64 9.06
C PRO B 183 13.88 -5.69 9.41
N TYR B 184 13.26 -4.54 9.35
CA TYR B 184 11.87 -4.40 9.73
C TYR B 184 10.84 -5.35 9.13
N ALA B 185 9.84 -5.70 9.95
CA ALA B 185 8.64 -6.40 9.49
C ALA B 185 7.85 -5.60 8.46
N PRO B 186 7.06 -6.29 7.60
CA PRO B 186 6.07 -5.64 6.69
C PRO B 186 5.02 -4.79 7.43
N LEU B 187 4.59 -3.73 6.76
CA LEU B 187 3.52 -2.84 7.26
C LEU B 187 2.15 -3.08 6.57
N SER B 200 17.23 -10.41 0.73
CA SER B 200 16.04 -9.88 1.40
C SER B 200 15.62 -10.84 2.53
N PHE B 201 14.89 -10.30 3.50
CA PHE B 201 14.75 -10.96 4.76
C PHE B 201 13.31 -11.48 4.92
N THR B 202 13.19 -12.80 4.79
CA THR B 202 11.89 -13.43 4.64
C THR B 202 11.12 -13.51 5.95
N LEU B 203 9.79 -13.69 5.86
CA LEU B 203 8.99 -13.96 7.06
C LEU B 203 9.40 -15.20 7.81
N GLU B 204 9.87 -16.23 7.11
CA GLU B 204 10.30 -17.43 7.84
C GLU B 204 11.58 -17.14 8.59
N GLN B 205 12.37 -16.18 8.11
CA GLN B 205 13.57 -15.81 8.87
C GLN B 205 13.19 -15.00 10.07
N GLN B 206 12.29 -14.06 9.90
CA GLN B 206 11.79 -13.40 11.06
C GLN B 206 11.31 -14.29 12.18
N ALA B 207 10.61 -15.37 11.84
CA ALA B 207 10.14 -16.32 12.86
C ALA B 207 11.27 -17.20 13.35
N HIS B 208 12.22 -17.50 12.50
CA HIS B 208 13.37 -18.29 12.94
C HIS B 208 14.13 -17.52 14.06
N LEU B 209 14.25 -16.19 13.92
CA LEU B 209 14.92 -15.35 14.90
C LEU B 209 14.32 -15.44 16.25
N ALA B 210 13.00 -15.47 16.33
CA ALA B 210 12.33 -15.66 17.63
C ALA B 210 12.61 -17.03 18.19
N GLU B 211 12.57 -18.05 17.34
CA GLU B 211 12.77 -19.40 17.84
C GLU B 211 14.17 -19.55 18.42
N ILE B 212 15.17 -18.96 17.75
CA ILE B 212 16.52 -18.92 18.30
C ILE B 212 16.54 -18.16 19.62
N ALA B 213 15.82 -17.02 19.71
CA ALA B 213 15.78 -16.28 21.01
C ALA B 213 15.20 -17.10 22.15
N GLU B 214 14.13 -17.88 21.87
CA GLU B 214 13.53 -18.79 22.84
C GLU B 214 14.59 -19.78 23.34
N GLY B 215 15.44 -20.25 22.45
CA GLY B 215 16.44 -21.25 22.82
C GLY B 215 17.48 -20.70 23.78
N LEU B 216 17.71 -19.38 23.67
CA LEU B 216 18.77 -18.71 24.38
C LEU B 216 18.34 -18.36 25.79
N VAL B 217 17.08 -17.93 26.00
CA VAL B 217 16.55 -17.88 27.39
C VAL B 217 16.57 -19.24 28.09
N GLU B 218 16.14 -20.30 27.42
CA GLU B 218 16.10 -21.57 28.12
C GLU B 218 17.50 -21.83 28.72
N ARG B 219 18.55 -21.36 28.04
CA ARG B 219 19.94 -21.47 28.55
C ARG B 219 20.44 -20.27 29.36
N HIS B 220 19.55 -19.36 29.76
CA HIS B 220 19.88 -18.26 30.68
C HIS B 220 20.62 -17.10 30.06
N ILE B 221 20.46 -16.97 28.74
CA ILE B 221 21.07 -15.90 27.97
C ILE B 221 19.97 -14.91 27.54
N PRO B 222 19.94 -13.70 28.13
CA PRO B 222 18.94 -12.67 27.82
C PRO B 222 19.02 -12.21 26.38
N VAL B 223 17.91 -11.72 25.84
CA VAL B 223 17.84 -11.26 24.47
C VAL B 223 16.79 -10.16 24.38
N LEU B 224 16.98 -9.21 23.48
CA LEU B 224 16.03 -8.15 23.32
C LEU B 224 15.99 -7.83 21.86
N ILE B 225 14.78 -7.80 21.27
CA ILE B 225 14.61 -7.54 19.83
C ILE B 225 13.77 -6.31 19.60
N SER B 226 14.04 -5.64 18.49
CA SER B 226 13.32 -4.46 18.02
C SER B 226 12.58 -4.78 16.73
N ASN B 227 11.40 -4.19 16.55
CA ASN B 227 10.70 -4.32 15.27
C ASN B 227 9.54 -3.39 15.32
N HIS B 228 8.76 -3.37 14.24
CA HIS B 228 7.50 -2.59 14.23
C HIS B 228 6.48 -3.24 15.17
N ASP B 229 5.43 -2.51 15.56
CA ASP B 229 4.26 -3.11 16.29
C ASP B 229 3.20 -3.60 15.28
N THR B 230 3.04 -4.93 15.16
CA THR B 230 2.05 -5.54 14.24
C THR B 230 1.55 -6.86 14.84
N MET B 231 0.50 -7.44 14.26
CA MET B 231 0.08 -8.81 14.66
C MET B 231 1.23 -9.81 14.51
N LEU B 232 1.88 -9.70 13.36
CA LEU B 232 2.93 -10.59 12.98
C LEU B 232 4.02 -10.59 14.05
N THR B 233 4.39 -9.37 14.39
CA THR B 233 5.39 -9.11 15.37
C THR B 233 4.99 -9.66 16.74
N ARG B 234 3.75 -9.43 17.15
CA ARG B 234 3.28 -9.98 18.41
C ARG B 234 3.15 -11.48 18.37
N GLU B 235 2.85 -12.05 17.21
CA GLU B 235 2.80 -13.51 17.05
C GLU B 235 4.14 -14.12 17.31
N TRP B 236 5.15 -13.73 16.51
CA TRP B 236 6.55 -14.23 16.71
C TRP B 236 7.06 -14.03 18.13
N TYR B 237 6.81 -12.85 18.72
CA TYR B 237 7.45 -12.58 20.02
C TYR B 237 6.58 -12.93 21.23
N GLN B 238 5.60 -13.82 21.02
CA GLN B 238 4.57 -14.14 22.01
C GLN B 238 5.08 -14.55 23.41
N ARG B 239 6.30 -15.11 23.53
CA ARG B 239 6.87 -15.50 24.86
C ARG B 239 7.78 -14.45 25.48
N ALA B 240 7.82 -13.26 24.90
CA ALA B 240 8.64 -12.15 25.42
C ALA B 240 7.78 -11.17 26.21
N LYS B 241 8.36 -10.53 27.22
CA LYS B 241 7.75 -9.33 27.78
C LYS B 241 7.73 -8.27 26.70
N LEU B 242 6.57 -7.76 26.38
CA LEU B 242 6.53 -6.75 25.33
C LEU B 242 6.50 -5.33 25.92
N HIS B 243 7.17 -4.38 25.28
CA HIS B 243 7.01 -3.00 25.66
C HIS B 243 6.77 -2.22 24.41
N VAL B 244 5.72 -1.43 24.38
CA VAL B 244 5.44 -0.60 23.21
C VAL B 244 6.12 0.78 23.35
N VAL B 245 6.70 1.30 22.27
CA VAL B 245 7.38 2.60 22.27
C VAL B 245 6.77 3.57 21.25
N LYS B 246 6.47 4.78 21.73
CA LYS B 246 5.81 5.80 20.89
C LYS B 246 6.81 6.61 20.02
N VAL B 247 6.37 6.95 18.80
CA VAL B 247 6.91 8.14 18.07
C VAL B 247 6.02 8.60 16.87
N LYS B 260 4.06 6.88 10.87
CA LYS B 260 4.94 6.83 12.04
C LYS B 260 4.34 5.91 13.16
N VAL B 261 3.95 4.68 12.75
CA VAL B 261 3.36 3.70 13.70
C VAL B 261 4.37 3.25 14.79
N ASP B 262 3.86 2.90 15.97
CA ASP B 262 4.67 2.47 17.12
C ASP B 262 5.67 1.38 16.79
N GLU B 263 6.42 1.01 17.81
CA GLU B 263 7.60 0.22 17.68
C GLU B 263 7.71 -0.67 18.91
N LEU B 264 8.05 -1.92 18.71
CA LEU B 264 8.02 -2.93 19.77
C LEU B 264 9.41 -3.28 20.29
N LEU B 265 9.53 -3.63 21.57
CA LEU B 265 10.78 -4.19 22.09
C LEU B 265 10.47 -5.40 22.92
N ALA B 266 11.04 -6.52 22.48
CA ALA B 266 10.69 -7.78 23.02
C ALA B 266 11.79 -8.24 23.90
N LEU B 267 11.54 -8.24 25.21
CA LEU B 267 12.53 -8.72 26.15
C LEU B 267 12.31 -10.19 26.50
N TYR B 268 13.33 -11.03 26.31
CA TYR B 268 13.35 -12.38 26.85
C TYR B 268 14.27 -12.46 28.05
N LYS B 269 13.70 -12.55 29.25
CA LYS B 269 14.47 -12.60 30.51
C LYS B 269 14.33 -13.97 31.21
N PRO B 270 15.42 -14.48 31.80
CA PRO B 270 15.31 -15.66 32.66
C PRO B 270 14.68 -15.40 34.03
N LYS C 3 -29.95 1.79 21.37
CA LYS C 3 -29.18 0.89 20.43
C LYS C 3 -28.39 -0.33 21.03
N ASN C 4 -28.87 -1.55 20.75
CA ASN C 4 -28.31 -2.78 21.33
C ASN C 4 -26.97 -3.20 20.70
N ARG C 5 -25.97 -3.47 21.54
CA ARG C 5 -24.64 -3.91 21.14
C ARG C 5 -24.54 -5.45 20.94
N ALA C 6 -23.63 -5.88 20.07
CA ALA C 6 -23.42 -7.31 19.84
C ALA C 6 -22.55 -7.79 20.98
N PHE C 7 -22.54 -9.08 21.28
CA PHE C 7 -21.69 -9.52 22.33
C PHE C 7 -20.33 -9.87 21.83
N LEU C 8 -20.18 -9.95 20.53
CA LEU C 8 -18.89 -10.14 19.87
C LEU C 8 -18.38 -8.78 19.44
N LYS C 9 -17.16 -8.42 19.84
CA LYS C 9 -16.60 -7.17 19.32
C LYS C 9 -15.96 -7.44 18.00
N TRP C 10 -15.99 -6.43 17.16
CA TRP C 10 -15.53 -6.58 15.80
C TRP C 10 -14.45 -5.49 15.49
N ALA C 11 -14.67 -4.23 15.89
CA ALA C 11 -13.67 -3.12 15.76
C ALA C 11 -13.68 -2.40 14.39
N GLY C 12 -13.23 -3.07 13.32
CA GLY C 12 -13.67 -2.70 11.96
C GLY C 12 -15.19 -2.90 11.98
N GLY C 13 -15.92 -2.49 10.91
CA GLY C 13 -17.42 -2.55 10.90
C GLY C 13 -18.15 -2.60 12.27
N LYS C 14 -17.67 -1.74 13.19
CA LYS C 14 -18.07 -1.69 14.61
C LYS C 14 -19.29 -0.74 14.80
N TYR C 15 -20.47 -1.16 14.28
CA TYR C 15 -21.73 -0.59 14.75
C TYR C 15 -22.17 0.76 14.10
N PRO C 16 -21.25 1.45 13.40
CA PRO C 16 -21.31 2.91 13.31
C PRO C 16 -22.22 3.49 12.21
N LEU C 17 -22.79 2.64 11.36
CA LEU C 17 -23.61 3.14 10.24
C LEU C 17 -24.98 2.46 10.13
N LEU C 18 -25.34 1.70 11.16
CA LEU C 18 -26.70 1.33 11.44
C LEU C 18 -27.49 2.61 11.40
N ASP C 19 -28.74 2.61 10.99
CA ASP C 19 -29.47 3.90 10.95
C ASP C 19 -29.60 4.16 9.48
N ASP C 20 -28.48 4.54 8.89
CA ASP C 20 -28.35 4.60 7.44
C ASP C 20 -28.85 3.30 6.81
N ILE C 21 -28.57 2.17 7.43
CA ILE C 21 -29.08 0.89 6.94
C ILE C 21 -30.58 0.75 7.24
N LYS C 22 -30.97 1.13 8.45
CA LYS C 22 -32.36 1.03 8.87
C LYS C 22 -33.27 1.88 7.95
N ARG C 23 -32.78 3.06 7.62
CA ARG C 23 -33.46 4.01 6.79
C ARG C 23 -33.80 3.41 5.45
N HIS C 24 -32.84 2.69 4.88
CA HIS C 24 -33.06 2.13 3.55
C HIS C 24 -33.62 0.70 3.54
N LEU C 25 -33.46 -0.03 4.64
CA LEU C 25 -33.91 -1.42 4.69
C LEU C 25 -35.41 -1.55 4.73
N PRO C 26 -36.02 -2.02 3.65
CA PRO C 26 -37.49 -2.25 3.52
C PRO C 26 -38.11 -3.09 4.65
N LYS C 27 -39.41 -3.01 4.84
CA LYS C 27 -40.08 -3.84 5.87
C LYS C 27 -40.57 -5.18 5.30
N GLY C 28 -40.76 -6.14 6.20
CA GLY C 28 -41.18 -7.47 5.75
C GLY C 28 -41.31 -8.42 6.91
N GLU C 29 -41.73 -9.64 6.61
CA GLU C 29 -41.97 -10.60 7.67
C GLU C 29 -40.68 -11.22 8.24
N CYS C 30 -39.67 -11.31 7.35
CA CYS C 30 -38.49 -12.11 7.60
C CYS C 30 -37.27 -11.45 7.01
N LEU C 31 -36.19 -11.43 7.79
CA LEU C 31 -34.90 -10.84 7.35
C LEU C 31 -33.85 -11.89 7.15
N VAL C 32 -33.36 -12.02 5.93
CA VAL C 32 -32.27 -12.95 5.60
C VAL C 32 -30.88 -12.27 5.57
N GLU C 33 -29.98 -12.64 6.50
CA GLU C 33 -28.60 -12.14 6.50
C GLU C 33 -27.59 -13.24 6.08
N PRO C 34 -27.05 -13.18 4.85
CA PRO C 34 -26.02 -14.16 4.44
C PRO C 34 -24.62 -13.96 5.08
N PHE C 35 -24.40 -12.82 5.71
CA PHE C 35 -23.15 -12.60 6.42
C PHE C 35 -23.52 -12.09 7.83
N VAL C 36 -24.24 -12.88 8.64
CA VAL C 36 -24.52 -12.35 9.99
C VAL C 36 -23.31 -11.68 10.60
N GLY C 37 -22.17 -12.35 10.53
CA GLY C 37 -21.05 -11.85 11.31
C GLY C 37 -21.47 -11.61 12.75
N ALA C 38 -21.15 -10.44 13.32
CA ALA C 38 -21.45 -10.15 14.74
C ALA C 38 -22.95 -9.90 15.06
N GLY C 39 -23.80 -9.74 14.07
CA GLY C 39 -25.23 -9.72 14.33
C GLY C 39 -25.87 -8.38 14.61
N SER C 40 -25.10 -7.28 14.55
CA SER C 40 -25.62 -5.93 14.82
C SER C 40 -26.97 -5.55 14.16
N VAL C 41 -27.16 -5.89 12.89
CA VAL C 41 -28.42 -5.54 12.25
C VAL C 41 -29.60 -6.33 12.81
N PHE C 42 -29.51 -7.64 12.73
CA PHE C 42 -30.36 -8.55 13.47
C PHE C 42 -30.77 -8.04 14.89
N LEU C 43 -29.79 -7.61 15.68
CA LEU C 43 -30.09 -7.10 17.03
C LEU C 43 -30.66 -5.66 17.14
N ASN C 44 -30.86 -4.95 16.03
CA ASN C 44 -31.41 -3.58 16.08
C ASN C 44 -32.52 -3.42 15.05
N THR C 45 -33.41 -4.37 15.05
CA THR C 45 -34.34 -4.49 13.98
C THR C 45 -35.44 -5.36 14.59
N ASP C 46 -36.67 -5.18 14.12
CA ASP C 46 -37.79 -5.88 14.75
C ASP C 46 -38.55 -6.75 13.73
N PHE C 47 -37.85 -7.66 13.08
CA PHE C 47 -38.54 -8.53 12.16
C PHE C 47 -39.26 -9.61 12.92
N SER C 48 -40.37 -10.04 12.35
CA SER C 48 -41.12 -11.16 12.87
C SER C 48 -40.21 -12.42 12.98
N ARG C 49 -39.32 -12.65 12.01
CA ARG C 49 -38.34 -13.73 12.14
C ARG C 49 -37.10 -13.51 11.27
N TYR C 50 -36.09 -14.38 11.44
CA TYR C 50 -34.78 -14.18 10.79
C TYR C 50 -34.11 -15.46 10.31
N ILE C 51 -33.60 -15.45 9.09
CA ILE C 51 -32.67 -16.47 8.66
C ILE C 51 -31.24 -15.85 8.71
N LEU C 52 -30.35 -16.38 9.56
CA LEU C 52 -29.02 -15.81 9.82
C LEU C 52 -27.95 -16.82 9.47
N ALA C 53 -27.06 -16.43 8.57
CA ALA C 53 -26.12 -17.40 8.03
C ALA C 53 -24.71 -16.84 7.85
N ASP C 54 -23.73 -17.75 7.75
CA ASP C 54 -22.30 -17.42 7.68
C ASP C 54 -21.48 -18.68 7.38
N ILE C 55 -20.38 -18.52 6.66
CA ILE C 55 -19.54 -19.66 6.35
C ILE C 55 -18.66 -20.11 7.50
N ASN C 56 -18.57 -19.35 8.57
CA ASN C 56 -17.66 -19.68 9.65
C ASN C 56 -18.37 -20.65 10.59
N SER C 57 -17.95 -21.89 10.53
CA SER C 57 -18.67 -22.94 11.30
C SER C 57 -18.58 -22.70 12.81
N ASP C 58 -17.49 -22.13 13.32
CA ASP C 58 -17.40 -21.84 14.77
C ASP C 58 -18.38 -20.77 15.18
N LEU C 59 -18.66 -19.83 14.29
CA LEU C 59 -19.62 -18.81 14.65
C LEU C 59 -21.07 -19.35 14.78
N ILE C 60 -21.41 -20.29 13.90
CA ILE C 60 -22.78 -20.66 13.78
C ILE C 60 -22.99 -21.61 14.92
N SER C 61 -21.99 -22.42 15.19
CA SER C 61 -22.11 -23.30 16.34
C SER C 61 -22.21 -22.47 17.67
N LEU C 62 -21.40 -21.43 17.83
CA LEU C 62 -21.52 -20.58 19.01
C LEU C 62 -22.94 -20.04 19.05
N TYR C 63 -23.48 -19.58 17.93
CA TYR C 63 -24.78 -18.97 18.02
C TYR C 63 -25.90 -19.98 18.43
N ASN C 64 -25.91 -21.16 17.80
CA ASN C 64 -26.83 -22.26 18.17
C ASN C 64 -26.79 -22.55 19.66
N ILE C 65 -25.57 -22.67 20.18
CA ILE C 65 -25.40 -22.96 21.59
C ILE C 65 -25.99 -21.85 22.44
N VAL C 66 -25.74 -20.60 22.07
CA VAL C 66 -26.25 -19.53 22.88
C VAL C 66 -27.78 -19.56 22.85
N LYS C 67 -28.34 -19.92 21.69
CA LYS C 67 -29.78 -20.03 21.59
C LYS C 67 -30.40 -21.10 22.57
N MET C 68 -29.75 -22.27 22.68
CA MET C 68 -30.38 -23.46 23.24
C MET C 68 -29.89 -23.79 24.64
N ARG C 69 -28.67 -23.37 24.97
CA ARG C 69 -28.12 -23.61 26.27
C ARG C 69 -27.72 -22.32 26.99
N THR C 70 -28.60 -21.32 26.96
CA THR C 70 -28.25 -19.98 27.42
C THR C 70 -27.58 -19.88 28.75
N ASP C 71 -28.18 -20.44 29.81
CA ASP C 71 -27.51 -20.33 31.13
C ASP C 71 -26.29 -21.23 31.27
N GLU C 72 -26.38 -22.46 30.81
CA GLU C 72 -25.24 -23.33 30.95
C GLU C 72 -24.06 -22.55 30.33
N TYR C 73 -24.33 -21.86 29.20
CA TYR C 73 -23.30 -21.06 28.52
C TYR C 73 -22.80 -19.79 29.29
N VAL C 74 -23.69 -18.87 29.64
CA VAL C 74 -23.26 -17.70 30.36
C VAL C 74 -22.49 -18.06 31.61
N GLN C 75 -22.93 -19.11 32.32
CA GLN C 75 -22.25 -19.54 33.55
C GLN C 75 -20.81 -19.99 33.27
N ALA C 76 -20.65 -20.81 32.25
CA ALA C 76 -19.34 -21.30 31.86
C ALA C 76 -18.43 -20.20 31.32
N ALA C 77 -18.94 -19.30 30.50
CA ALA C 77 -18.08 -18.29 29.88
C ALA C 77 -17.63 -17.22 30.87
N ARG C 78 -18.42 -16.99 31.91
CA ARG C 78 -18.04 -16.02 32.92
C ARG C 78 -16.73 -16.41 33.61
N GLU C 79 -16.53 -17.71 33.79
CA GLU C 79 -15.33 -18.20 34.46
C GLU C 79 -13.99 -17.78 33.85
N LEU C 80 -14.00 -17.43 32.57
CA LEU C 80 -12.79 -17.02 31.88
C LEU C 80 -12.54 -15.50 31.89
N PHE C 81 -13.42 -14.73 32.49
CA PHE C 81 -13.28 -13.27 32.44
C PHE C 81 -12.87 -12.70 33.79
N VAL C 82 -11.96 -13.40 34.45
CA VAL C 82 -11.36 -12.98 35.71
C VAL C 82 -9.97 -12.35 35.43
N PRO C 83 -9.40 -11.61 36.41
CA PRO C 83 -8.00 -11.12 36.36
C PRO C 83 -6.98 -12.18 35.89
N GLU C 84 -6.85 -13.30 36.61
CA GLU C 84 -5.92 -14.40 36.24
C GLU C 84 -5.70 -14.56 34.73
N THR C 85 -6.70 -14.27 33.90
CA THR C 85 -6.58 -14.64 32.50
C THR C 85 -6.11 -13.52 31.60
N ASN C 86 -6.01 -12.29 32.10
CA ASN C 86 -5.61 -11.17 31.23
C ASN C 86 -4.11 -11.09 30.93
N CYS C 87 -3.54 -12.19 30.48
CA CYS C 87 -2.10 -12.20 30.17
C CYS C 87 -1.79 -13.15 29.02
N ALA C 88 -0.85 -12.74 28.19
CA ALA C 88 -0.28 -13.56 27.15
C ALA C 88 -0.23 -15.05 27.51
N GLU C 89 0.36 -15.37 28.65
CA GLU C 89 0.64 -16.77 28.99
C GLU C 89 -0.62 -17.63 28.85
N VAL C 90 -1.67 -17.25 29.56
CA VAL C 90 -2.97 -17.92 29.53
C VAL C 90 -3.66 -17.81 28.15
N TYR C 91 -3.58 -16.66 27.51
CA TYR C 91 -4.15 -16.56 26.17
C TYR C 91 -3.64 -17.65 25.22
N TYR C 92 -2.33 -17.95 25.20
CA TYR C 92 -1.81 -18.88 24.20
C TYR C 92 -2.17 -20.26 24.63
N GLN C 93 -2.30 -20.43 25.93
CA GLN C 93 -2.83 -21.65 26.50
C GLN C 93 -4.28 -21.93 26.05
N PHE C 94 -5.15 -20.90 26.15
CA PHE C 94 -6.55 -21.05 25.72
C PHE C 94 -6.66 -21.25 24.21
N ARG C 95 -5.81 -20.55 23.48
CA ARG C 95 -5.83 -20.67 22.05
C ARG C 95 -5.45 -22.11 21.65
N GLU C 96 -4.48 -22.71 22.33
CA GLU C 96 -4.05 -24.03 21.92
C GLU C 96 -5.07 -25.06 22.31
N GLU C 97 -5.67 -24.89 23.50
CA GLU C 97 -6.83 -25.72 23.90
C GLU C 97 -7.92 -25.64 22.82
N PHE C 98 -8.25 -24.43 22.34
CA PHE C 98 -9.32 -24.29 21.39
C PHE C 98 -8.95 -25.07 20.15
N ASN C 99 -7.74 -24.86 19.70
CA ASN C 99 -7.34 -25.43 18.45
C ASN C 99 -7.29 -26.93 18.47
N LYS C 100 -7.04 -27.51 19.65
CA LYS C 100 -7.02 -28.98 19.85
C LYS C 100 -8.38 -29.59 20.23
N SER C 101 -9.30 -28.78 20.74
CA SER C 101 -10.49 -29.35 21.30
C SER C 101 -11.40 -29.88 20.21
N GLN C 102 -12.10 -30.97 20.51
CA GLN C 102 -13.11 -31.48 19.61
C GLN C 102 -14.54 -31.37 20.18
N ASP C 103 -14.68 -30.74 21.35
CA ASP C 103 -15.99 -30.57 21.99
C ASP C 103 -16.65 -29.22 21.63
N PRO C 104 -17.81 -29.22 20.94
CA PRO C 104 -18.37 -27.92 20.54
C PRO C 104 -18.62 -26.94 21.65
N PHE C 105 -19.13 -27.40 22.79
CA PHE C 105 -19.49 -26.49 23.87
C PHE C 105 -18.22 -25.76 24.37
N ARG C 106 -17.19 -26.52 24.79
CA ARG C 106 -15.96 -25.92 25.29
C ARG C 106 -15.38 -24.93 24.26
N ARG C 107 -15.28 -25.37 23.00
CA ARG C 107 -14.85 -24.51 21.91
C ARG C 107 -15.56 -23.16 21.91
N ALA C 108 -16.87 -23.21 21.98
CA ALA C 108 -17.65 -22.00 21.88
C ALA C 108 -17.40 -21.12 23.12
N VAL C 109 -16.96 -21.72 24.21
CA VAL C 109 -16.68 -20.92 25.38
C VAL C 109 -15.37 -20.15 25.10
N LEU C 110 -14.33 -20.89 24.78
CA LEU C 110 -13.06 -20.35 24.42
C LEU C 110 -13.14 -19.31 23.28
N PHE C 111 -14.10 -19.49 22.39
CA PHE C 111 -14.19 -18.62 21.22
C PHE C 111 -14.48 -17.18 21.63
N LEU C 112 -15.21 -17.03 22.74
CA LEU C 112 -15.66 -15.71 23.14
C LEU C 112 -14.53 -15.04 23.91
N TYR C 113 -13.78 -15.85 24.68
CA TYR C 113 -12.61 -15.36 25.31
C TYR C 113 -11.67 -14.83 24.19
N LEU C 114 -11.38 -15.69 23.24
CA LEU C 114 -10.57 -15.38 22.11
C LEU C 114 -10.95 -14.12 21.42
N ASN C 115 -12.24 -13.87 21.25
CA ASN C 115 -12.66 -12.64 20.56
C ASN C 115 -12.48 -11.39 21.42
N ARG C 116 -12.57 -11.50 22.75
CA ARG C 116 -12.49 -10.29 23.59
C ARG C 116 -11.06 -9.97 24.08
N TYR C 117 -10.20 -10.98 24.11
CA TYR C 117 -8.82 -10.84 24.55
C TYR C 117 -7.81 -10.78 23.39
N GLY C 118 -8.27 -10.95 22.14
CA GLY C 118 -7.35 -11.08 21.02
C GLY C 118 -7.19 -9.79 20.24
N TYR C 119 -6.16 -9.73 19.39
CA TYR C 119 -5.74 -8.50 18.78
C TYR C 119 -6.89 -7.98 17.96
N ASN C 120 -7.50 -6.86 18.40
CA ASN C 120 -8.52 -6.15 17.63
C ASN C 120 -9.86 -6.87 17.45
N GLY C 121 -10.00 -7.97 18.20
CA GLY C 121 -11.13 -8.89 18.03
C GLY C 121 -11.27 -9.43 16.64
N LEU C 122 -10.16 -9.69 15.97
CA LEU C 122 -10.25 -10.32 14.66
C LEU C 122 -10.55 -11.79 14.77
N CYS C 123 -11.07 -12.34 13.68
CA CYS C 123 -11.23 -13.79 13.58
C CYS C 123 -10.42 -14.26 12.39
N ARG C 124 -9.42 -15.09 12.60
CA ARG C 124 -8.54 -15.42 11.49
C ARG C 124 -8.01 -16.85 11.71
N TYR C 125 -7.72 -17.57 10.64
CA TYR C 125 -7.17 -18.95 10.73
C TYR C 125 -5.95 -19.11 9.77
N ASN C 126 -4.92 -19.85 10.21
CA ASN C 126 -3.83 -20.25 9.31
C ASN C 126 -4.32 -21.32 8.30
N LEU C 127 -3.43 -21.86 7.48
CA LEU C 127 -3.83 -22.81 6.40
C LEU C 127 -4.19 -24.21 6.90
N ARG C 128 -3.71 -24.55 8.08
CA ARG C 128 -4.15 -25.76 8.75
C ARG C 128 -5.48 -25.57 9.43
N GLY C 129 -6.25 -24.53 9.12
CA GLY C 129 -7.41 -24.20 9.94
C GLY C 129 -7.22 -23.87 11.42
N GLU C 130 -6.02 -23.58 11.91
CA GLU C 130 -5.89 -23.09 13.27
C GLU C 130 -6.21 -21.59 13.43
N PHE C 131 -6.85 -21.26 14.55
CA PHE C 131 -7.15 -19.87 14.90
C PHE C 131 -5.81 -19.24 15.24
N ASN C 132 -5.48 -18.12 14.60
CA ASN C 132 -4.09 -17.61 14.71
C ASN C 132 -3.93 -16.10 14.97
N VAL C 133 -4.91 -15.49 15.61
CA VAL C 133 -4.81 -14.10 16.08
C VAL C 133 -4.00 -14.14 17.36
N PRO C 134 -3.05 -13.21 17.52
CA PRO C 134 -2.27 -13.18 18.80
C PRO C 134 -2.94 -12.41 19.96
N PHE C 135 -2.33 -12.43 21.14
CA PHE C 135 -2.81 -11.63 22.27
C PHE C 135 -3.01 -10.13 21.97
N GLY C 136 -4.17 -9.58 22.33
CA GLY C 136 -4.44 -8.17 22.09
C GLY C 136 -3.79 -7.29 23.16
N ARG C 137 -3.79 -5.97 22.92
CA ARG C 137 -3.02 -5.02 23.77
C ARG C 137 -3.74 -4.52 25.03
N TYR C 138 -4.89 -3.89 24.84
CA TYR C 138 -5.72 -3.35 25.93
C TYR C 138 -5.80 -4.24 27.19
N LYS C 139 -5.97 -3.54 28.30
CA LYS C 139 -6.37 -4.11 29.57
C LYS C 139 -7.91 -3.96 29.62
N LYS C 140 -8.50 -4.12 30.81
CA LYS C 140 -9.88 -3.71 31.08
C LYS C 140 -10.91 -4.64 30.38
N PRO C 141 -10.93 -5.91 30.78
CA PRO C 141 -11.83 -6.91 30.16
C PRO C 141 -13.31 -6.60 30.46
N TYR C 142 -14.21 -6.88 29.52
CA TYR C 142 -15.62 -6.69 29.76
C TYR C 142 -16.38 -7.95 29.45
N PHE C 143 -17.03 -8.54 30.45
CA PHE C 143 -17.87 -9.70 30.16
C PHE C 143 -19.25 -9.27 29.74
N PRO C 144 -19.66 -9.57 28.49
CA PRO C 144 -20.91 -9.06 27.91
C PRO C 144 -22.18 -9.85 28.28
N GLU C 145 -22.49 -9.85 29.57
CA GLU C 145 -23.58 -10.64 30.10
C GLU C 145 -24.89 -10.20 29.49
N ALA C 146 -25.24 -8.94 29.69
CA ALA C 146 -26.45 -8.37 29.13
C ALA C 146 -26.63 -8.72 27.64
N GLU C 147 -25.61 -8.39 26.81
CA GLU C 147 -25.68 -8.62 25.37
C GLU C 147 -25.88 -10.09 25.04
N LEU C 148 -25.22 -10.96 25.80
CA LEU C 148 -25.40 -12.37 25.59
C LEU C 148 -26.88 -12.80 25.79
N TYR C 149 -27.54 -12.30 26.85
CA TYR C 149 -28.96 -12.65 27.19
C TYR C 149 -29.95 -12.08 26.16
N HIS C 150 -29.69 -10.83 25.76
CA HIS C 150 -30.48 -10.21 24.74
C HIS C 150 -30.37 -11.00 23.41
N PHE C 151 -29.16 -11.46 23.06
CA PHE C 151 -28.97 -12.28 21.87
C PHE C 151 -29.79 -13.59 21.91
N ALA C 152 -29.77 -14.25 23.07
CA ALA C 152 -30.56 -15.46 23.28
C ALA C 152 -32.07 -15.22 23.13
N GLU C 153 -32.51 -14.08 23.66
CA GLU C 153 -33.90 -13.81 23.61
C GLU C 153 -34.22 -13.61 22.15
N LYS C 154 -33.54 -12.67 21.49
CA LYS C 154 -33.85 -12.40 20.07
C LYS C 154 -33.82 -13.64 19.21
N ALA C 155 -32.95 -14.56 19.61
CA ALA C 155 -32.69 -15.77 18.87
C ALA C 155 -33.83 -16.73 18.76
N GLN C 156 -34.82 -16.65 19.65
CA GLN C 156 -35.95 -17.58 19.59
C GLN C 156 -36.78 -17.41 18.30
N ASN C 157 -36.58 -16.27 17.66
CA ASN C 157 -37.12 -16.05 16.33
C ASN C 157 -36.15 -16.20 15.13
N ALA C 158 -35.09 -17.01 15.29
CA ALA C 158 -34.12 -17.21 14.20
C ALA C 158 -33.70 -18.64 13.99
N PHE C 159 -33.34 -18.95 12.76
CA PHE C 159 -32.54 -20.14 12.48
C PHE C 159 -31.15 -19.71 11.95
N PHE C 160 -30.13 -20.48 12.27
CA PHE C 160 -28.74 -20.17 11.97
C PHE C 160 -28.25 -21.27 11.07
N TYR C 161 -27.65 -20.90 9.94
CA TYR C 161 -27.13 -21.91 9.05
C TYR C 161 -25.66 -21.66 8.79
N CYS C 162 -24.92 -22.74 8.59
CA CYS C 162 -23.56 -22.56 8.20
C CYS C 162 -23.48 -22.97 6.75
N GLU C 163 -23.79 -22.03 5.86
CA GLU C 163 -23.61 -22.21 4.43
C GLU C 163 -23.07 -20.93 3.79
N SER C 164 -22.84 -20.96 2.47
CA SER C 164 -22.27 -19.81 1.76
C SER C 164 -23.38 -18.93 1.17
N TYR C 165 -23.13 -17.64 0.91
CA TYR C 165 -24.21 -16.68 0.52
C TYR C 165 -25.26 -17.23 -0.47
N ALA C 166 -24.85 -17.92 -1.53
CA ALA C 166 -25.88 -18.35 -2.49
C ALA C 166 -26.92 -19.33 -1.89
N ASP C 167 -26.46 -20.27 -1.07
CA ASP C 167 -27.42 -21.14 -0.38
C ASP C 167 -28.35 -20.34 0.49
N SER C 168 -27.84 -19.56 1.46
CA SER C 168 -28.79 -18.84 2.31
C SER C 168 -29.68 -17.83 1.56
N MET C 169 -29.17 -17.20 0.51
CA MET C 169 -30.04 -16.25 -0.24
C MET C 169 -31.15 -16.98 -1.01
N ALA C 170 -30.90 -18.23 -1.45
CA ALA C 170 -32.00 -19.05 -2.06
C ALA C 170 -33.19 -19.33 -1.11
N ARG C 171 -32.97 -19.31 0.21
CA ARG C 171 -34.06 -19.51 1.13
C ARG C 171 -34.99 -18.30 1.27
N ALA C 172 -34.57 -17.13 0.80
CA ALA C 172 -35.49 -16.00 0.89
C ALA C 172 -36.77 -16.26 0.02
N ASP C 173 -37.91 -15.70 0.45
CA ASP C 173 -39.22 -15.79 -0.25
C ASP C 173 -39.96 -14.43 -0.38
N ASP C 174 -41.24 -14.47 -0.74
CA ASP C 174 -42.05 -13.29 -1.11
C ASP C 174 -42.29 -12.38 0.07
N ALA C 175 -42.19 -12.94 1.27
CA ALA C 175 -42.33 -12.16 2.50
C ALA C 175 -40.98 -11.81 3.16
N SER C 176 -39.89 -12.01 2.40
CA SER C 176 -38.53 -11.95 2.92
C SER C 176 -37.82 -10.69 2.50
N VAL C 177 -36.76 -10.32 3.20
CA VAL C 177 -35.94 -9.16 2.80
C VAL C 177 -34.48 -9.52 3.08
N VAL C 178 -33.58 -9.24 2.13
CA VAL C 178 -32.17 -9.64 2.29
C VAL C 178 -31.21 -8.48 2.56
N TYR C 179 -30.49 -8.56 3.68
CA TYR C 179 -29.39 -7.66 3.89
C TYR C 179 -27.98 -8.30 3.77
N CYS C 180 -27.17 -7.77 2.88
CA CYS C 180 -25.83 -8.34 2.68
C CYS C 180 -24.71 -7.43 3.16
N ASP C 181 -23.85 -7.95 4.00
CA ASP C 181 -22.66 -7.27 4.47
C ASP C 181 -21.44 -8.14 4.12
N PRO C 182 -21.07 -8.18 2.83
CA PRO C 182 -20.00 -9.05 2.35
C PRO C 182 -18.71 -8.55 2.89
N PRO C 183 -17.66 -9.35 2.85
CA PRO C 183 -16.33 -8.83 3.25
C PRO C 183 -16.01 -7.71 2.32
N TYR C 184 -15.40 -6.67 2.85
CA TYR C 184 -15.13 -5.48 2.02
C TYR C 184 -14.34 -5.75 0.75
N ALA C 185 -14.75 -5.09 -0.32
CA ALA C 185 -13.92 -4.83 -1.49
C ALA C 185 -12.55 -4.14 -1.19
N PRO C 186 -11.59 -4.33 -2.08
CA PRO C 186 -10.26 -3.76 -1.86
C PRO C 186 -10.22 -2.28 -2.23
N LEU C 187 -9.33 -1.49 -1.61
CA LEU C 187 -9.14 -0.08 -2.06
C LEU C 187 -8.14 0.12 -3.23
N ASN C 199 -8.43 -19.02 0.44
CA ASN C 199 -8.30 -18.12 1.62
C ASN C 199 -9.50 -17.12 1.83
N SER C 200 -9.75 -16.19 0.90
CA SER C 200 -10.71 -15.12 1.20
C SER C 200 -11.77 -14.93 0.10
N PHE C 201 -12.44 -13.78 0.13
CA PHE C 201 -13.64 -13.55 -0.65
C PHE C 201 -13.18 -12.91 -1.93
N THR C 202 -13.39 -13.58 -3.04
CA THR C 202 -12.84 -13.10 -4.30
C THR C 202 -13.72 -12.09 -5.05
N LEU C 203 -13.07 -11.38 -5.98
CA LEU C 203 -13.75 -10.50 -6.91
C LEU C 203 -14.87 -11.22 -7.65
N GLU C 204 -14.66 -12.48 -8.03
CA GLU C 204 -15.73 -13.16 -8.79
C GLU C 204 -16.96 -13.37 -7.92
N GLN C 205 -16.75 -13.54 -6.63
CA GLN C 205 -17.86 -13.74 -5.72
C GLN C 205 -18.58 -12.40 -5.51
N GLN C 206 -17.81 -11.31 -5.44
CA GLN C 206 -18.33 -9.97 -5.21
C GLN C 206 -19.30 -9.68 -6.38
N ALA C 207 -18.86 -10.01 -7.60
CA ALA C 207 -19.74 -9.79 -8.79
C ALA C 207 -20.89 -10.79 -8.80
N HIS C 208 -20.60 -12.03 -8.39
CA HIS C 208 -21.65 -13.04 -8.19
C HIS C 208 -22.79 -12.58 -7.23
N LEU C 209 -22.42 -11.97 -6.11
CA LEU C 209 -23.41 -11.57 -5.12
C LEU C 209 -24.33 -10.54 -5.80
N ALA C 210 -23.78 -9.64 -6.61
CA ALA C 210 -24.64 -8.70 -7.32
C ALA C 210 -25.66 -9.41 -8.22
N GLU C 211 -25.25 -10.49 -8.92
CA GLU C 211 -26.21 -11.18 -9.82
C GLU C 211 -27.33 -11.78 -9.05
N ILE C 212 -27.02 -12.40 -7.93
CA ILE C 212 -28.08 -13.11 -7.27
C ILE C 212 -29.06 -12.05 -6.84
N ALA C 213 -28.53 -10.89 -6.48
CA ALA C 213 -29.34 -9.83 -5.99
C ALA C 213 -30.28 -9.45 -7.12
N GLU C 214 -29.75 -9.34 -8.33
CA GLU C 214 -30.58 -9.08 -9.52
C GLU C 214 -31.69 -10.13 -9.68
N GLY C 215 -31.35 -11.42 -9.64
CA GLY C 215 -32.33 -12.50 -9.63
C GLY C 215 -33.47 -12.25 -8.66
N LEU C 216 -33.10 -11.80 -7.46
CA LEU C 216 -34.02 -11.68 -6.35
C LEU C 216 -35.02 -10.58 -6.50
N VAL C 217 -34.61 -9.38 -6.94
CA VAL C 217 -35.62 -8.31 -7.25
C VAL C 217 -36.46 -8.63 -8.45
N GLU C 218 -35.91 -9.37 -9.41
CA GLU C 218 -36.67 -9.79 -10.55
C GLU C 218 -37.89 -10.56 -10.03
N ARG C 219 -37.74 -11.18 -8.85
CA ARG C 219 -38.83 -11.96 -8.25
C ARG C 219 -39.60 -11.19 -7.19
N HIS C 220 -39.40 -9.87 -7.12
CA HIS C 220 -40.08 -8.99 -6.12
C HIS C 220 -39.60 -9.20 -4.66
N ILE C 221 -38.49 -9.92 -4.48
CA ILE C 221 -37.73 -9.91 -3.23
C ILE C 221 -36.73 -8.70 -3.21
N PRO C 222 -36.84 -7.80 -2.21
CA PRO C 222 -35.92 -6.62 -2.03
C PRO C 222 -34.58 -6.92 -1.33
N VAL C 223 -33.45 -6.47 -1.90
CA VAL C 223 -32.16 -6.79 -1.35
C VAL C 223 -31.38 -5.50 -1.09
N LEU C 224 -30.70 -5.42 0.07
CA LEU C 224 -29.81 -4.29 0.39
C LEU C 224 -28.39 -4.76 0.67
N ILE C 225 -27.42 -4.12 0.02
CA ILE C 225 -26.03 -4.49 0.18
C ILE C 225 -25.18 -3.31 0.67
N SER C 226 -24.26 -3.52 1.62
CA SER C 226 -23.33 -2.43 1.91
C SER C 226 -21.90 -2.79 1.50
N ASN C 227 -21.06 -1.79 1.25
CA ASN C 227 -19.66 -2.01 0.85
C ASN C 227 -18.92 -0.66 0.81
N HIS C 228 -17.64 -0.66 0.40
CA HIS C 228 -16.95 0.59 0.10
C HIS C 228 -17.49 1.28 -1.17
N ASP C 229 -17.41 2.61 -1.23
CA ASP C 229 -17.61 3.32 -2.51
C ASP C 229 -16.34 3.19 -3.41
N THR C 230 -16.47 2.58 -4.58
CA THR C 230 -15.29 2.21 -5.36
C THR C 230 -15.71 2.15 -6.80
N MET C 231 -14.73 2.30 -7.66
CA MET C 231 -14.92 1.97 -9.04
C MET C 231 -15.61 0.58 -9.19
N LEU C 232 -15.02 -0.43 -8.55
CA LEU C 232 -15.40 -1.83 -8.71
C LEU C 232 -16.81 -2.03 -8.14
N THR C 233 -17.00 -1.51 -6.94
CA THR C 233 -18.31 -1.56 -6.29
C THR C 233 -19.43 -0.92 -7.15
N ARG C 234 -19.20 0.27 -7.68
CA ARG C 234 -20.16 0.88 -8.58
C ARG C 234 -20.46 0.06 -9.79
N GLU C 235 -19.44 -0.48 -10.45
CA GLU C 235 -19.69 -1.43 -11.56
C GLU C 235 -20.62 -2.61 -11.14
N TRP C 236 -20.27 -3.39 -10.09
CA TRP C 236 -21.11 -4.53 -9.70
C TRP C 236 -22.51 -4.10 -9.37
N TYR C 237 -22.70 -3.05 -8.58
CA TYR C 237 -24.08 -2.74 -8.19
C TYR C 237 -24.79 -1.70 -9.12
N GLN C 238 -24.37 -1.65 -10.39
CA GLN C 238 -24.96 -0.76 -11.40
C GLN C 238 -26.53 -0.79 -11.59
N ARG C 239 -27.22 -1.78 -11.05
CA ARG C 239 -28.67 -1.83 -11.26
C ARG C 239 -29.42 -1.47 -10.01
N ALA C 240 -28.72 -1.29 -8.91
CA ALA C 240 -29.37 -0.81 -7.68
C ALA C 240 -29.50 0.75 -7.64
N LYS C 241 -30.43 1.27 -6.85
CA LYS C 241 -30.36 2.67 -6.50
C LYS C 241 -29.23 2.84 -5.52
N LEU C 242 -28.34 3.77 -5.80
CA LEU C 242 -27.14 3.90 -4.98
C LEU C 242 -27.22 5.03 -3.99
N HIS C 243 -26.69 4.83 -2.79
CA HIS C 243 -26.63 5.88 -1.79
C HIS C 243 -25.26 6.00 -1.19
N VAL C 244 -24.67 7.18 -1.14
CA VAL C 244 -23.36 7.38 -0.52
C VAL C 244 -23.51 7.91 0.91
N VAL C 245 -22.76 7.35 1.84
CA VAL C 245 -22.85 7.70 3.26
C VAL C 245 -21.45 8.05 3.76
N LYS C 246 -21.33 9.11 4.54
CA LYS C 246 -19.98 9.57 4.95
C LYS C 246 -19.62 9.16 6.36
N VAL C 247 -18.33 8.94 6.61
CA VAL C 247 -17.84 8.77 8.00
C VAL C 247 -16.40 9.27 8.16
N VAL C 261 -12.78 6.24 4.53
CA VAL C 261 -13.43 6.51 3.24
C VAL C 261 -14.96 6.50 3.28
N ASP C 262 -15.54 6.36 2.08
CA ASP C 262 -16.98 6.46 1.86
C ASP C 262 -17.70 5.12 1.74
N GLU C 263 -18.81 5.01 2.48
CA GLU C 263 -19.65 3.83 2.38
C GLU C 263 -20.73 3.96 1.33
N LEU C 264 -20.92 2.90 0.56
CA LEU C 264 -21.97 2.82 -0.45
C LEU C 264 -23.04 1.89 0.09
N LEU C 265 -24.34 2.16 -0.12
CA LEU C 265 -25.41 1.18 0.16
C LEU C 265 -26.18 1.00 -1.14
N ALA C 266 -26.48 -0.23 -1.52
CA ALA C 266 -27.19 -0.40 -2.76
C ALA C 266 -28.51 -1.12 -2.59
N LEU C 267 -29.58 -0.44 -2.96
CA LEU C 267 -30.94 -0.95 -2.76
C LEU C 267 -31.49 -1.50 -4.05
N TYR C 268 -31.98 -2.72 -4.01
CA TYR C 268 -32.74 -3.25 -5.14
C TYR C 268 -34.18 -3.31 -4.61
N LYS C 269 -35.00 -2.29 -4.97
CA LYS C 269 -36.45 -2.28 -4.66
C LYS C 269 -37.22 -2.80 -5.84
N PRO C 270 -38.24 -3.61 -5.58
CA PRO C 270 -39.23 -3.81 -6.65
C PRO C 270 -40.05 -2.53 -6.79
CBC 0Y1 D . -5.96 10.44 -20.42
CBG 0Y1 D . -6.14 9.51 -21.46
CBH 0Y1 D . -7.29 9.58 -22.24
CBI 0Y1 D . -8.25 10.55 -21.99
CBJ 0Y1 D . -8.07 11.45 -20.99
CBD 0Y1 D . -6.92 11.39 -20.22
NBE 0Y1 D . -6.53 12.21 -19.14
CBF 0Y1 D . -5.30 11.67 -18.71
CBB 0Y1 D . -4.99 10.62 -19.52
CBA 0Y1 D . -3.74 9.78 -19.38
CAZ 0Y1 D . -2.57 10.09 -18.45
NAR 0Y1 D . -1.22 10.19 -19.09
CAS 0Y1 D . -0.26 10.93 -18.22
CB 0Y1 D . 0.49 10.18 -17.12
CA 0Y1 D . 0.39 10.62 -15.69
C 0Y1 D . -0.16 9.53 -14.81
OXT 0Y1 D . -1.33 9.63 -14.31
O 0Y1 D . 0.51 8.46 -14.58
N 0Y1 D . 1.70 11.00 -15.18
CAF 0Y1 D . -0.73 8.94 -19.72
CAA 0Y1 D . -0.82 8.83 -21.19
OAE 0Y1 D . 0.26 8.02 -21.74
CAB 0Y1 D . -2.07 8.18 -21.70
OAH 0Y1 D . -2.56 8.89 -22.78
CAC 0Y1 D . -1.66 6.84 -22.16
OAI 0Y1 D . -2.54 6.30 -23.10
CAD 0Y1 D . -0.29 7.13 -22.70
N9 0Y1 D . 0.60 5.97 -22.94
C8 0Y1 D . 0.74 4.85 -22.18
N7 0Y1 D . 1.68 4.06 -22.73
C5 0Y1 D . 2.17 4.69 -23.83
C4 0Y1 D . 1.49 5.92 -23.97
N3 0Y1 D . 1.80 6.73 -25.00
C2 0Y1 D . 2.74 6.41 -25.91
N1 0Y1 D . 3.40 5.25 -25.80
C6 0Y1 D . 3.14 4.38 -24.79
N6 0Y1 D . 3.88 3.12 -24.67
CBC 0Y1 E . 22.48 0.37 7.21
CBG 0Y1 E . 23.54 -0.39 7.70
CBH 0Y1 E . 24.81 -0.20 7.19
CBI 0Y1 E . 25.05 0.75 6.20
CBJ 0Y1 E . 23.99 1.50 5.73
CBD 0Y1 E . 22.68 1.31 6.24
NBE 0Y1 E . 21.44 1.96 5.90
CBF 0Y1 E . 20.51 1.32 6.75
CBB 0Y1 E . 21.20 0.38 7.49
CBA 0Y1 E . 20.57 -0.51 8.53
CAZ 0Y1 E . 20.24 -1.92 8.14
NAR 0Y1 E . 20.35 -2.91 9.23
CAS 0Y1 E . 19.21 -2.71 10.14
CB 0Y1 E . 18.02 -2.19 9.36
CA 0Y1 E . 17.05 -1.56 10.25
C 0Y1 E . 15.66 -1.79 9.87
OXT 0Y1 E . 15.24 -1.65 8.67
O 0Y1 E . 14.97 -2.19 10.86
N 0Y1 E . 17.10 -2.38 11.45
CAF 0Y1 E . 20.09 -4.23 8.71
CAA 0Y1 E . 21.26 -5.06 8.65
OAE 0Y1 E . 20.81 -6.44 8.78
CAB 0Y1 E . 21.85 -4.85 7.32
OAH 0Y1 E . 23.14 -4.39 7.42
CAC 0Y1 E . 21.77 -6.18 6.71
OAI 0Y1 E . 22.92 -6.46 6.02
CAD 0Y1 E . 21.60 -7.10 7.86
N9 0Y1 E . 21.07 -8.45 7.53
C8 0Y1 E . 20.20 -8.81 6.56
N7 0Y1 E . 20.07 -10.15 6.64
C5 0Y1 E . 20.84 -10.62 7.64
C4 0Y1 E . 21.49 -9.54 8.22
N3 0Y1 E . 22.35 -9.72 9.25
C2 0Y1 E . 22.57 -10.95 9.74
N1 0Y1 E . 21.93 -12.03 9.21
C6 0Y1 E . 21.09 -11.89 8.15
N6 0Y1 E . 20.40 -13.03 7.56
CBC 0Y1 F . -16.39 -10.75 12.53
CBG 0Y1 F . -17.42 -11.49 13.03
CBH 0Y1 F . -17.30 -12.07 14.25
CBI 0Y1 F . -16.17 -11.91 14.99
CBJ 0Y1 F . -15.13 -11.15 14.49
CBD 0Y1 F . -15.26 -10.58 13.24
NBE 0Y1 F . -14.34 -9.79 12.53
CBF 0Y1 F . -15.04 -9.52 11.36
CBB 0Y1 F . -16.26 -10.12 11.41
CBA 0Y1 F . -17.33 -10.08 10.36
CAZ 0Y1 F . -17.08 -9.46 9.01
NAR 0Y1 F . -18.05 -9.74 7.93
CAS 0Y1 F . -17.88 -8.60 6.99
CB 0Y1 F . -17.20 -7.44 7.64
CA 0Y1 F . -16.81 -6.26 6.87
C 0Y1 F . -15.44 -6.35 6.39
OXT 0Y1 F . -14.50 -6.18 7.21
O 0Y1 F . -15.17 -6.64 5.21
N 0Y1 F . -17.70 -6.06 5.78
CAF 0Y1 F . -17.70 -10.97 7.23
CAA 0Y1 F . -18.38 -12.21 7.46
OAE 0Y1 F . -18.52 -12.82 6.18
CAB 0Y1 F . -17.47 -13.09 8.16
OAH 0Y1 F . -18.06 -13.60 9.27
CAC 0Y1 F . -17.16 -14.20 7.29
OAI 0Y1 F . -17.18 -15.33 8.02
CAD 0Y1 F . -18.24 -14.17 6.31
N9 0Y1 F . -18.02 -14.78 4.98
C8 0Y1 F . -16.99 -14.82 4.20
N7 0Y1 F . -17.30 -15.48 3.12
C5 0Y1 F . -18.55 -15.85 3.20
C4 0Y1 F . -19.00 -15.41 4.39
N3 0Y1 F . -20.23 -15.64 4.74
C2 0Y1 F . -21.03 -16.30 3.96
N1 0Y1 F . -20.62 -16.74 2.80
C6 0Y1 F . -19.41 -16.55 2.41
N6 0Y1 F . -19.01 -17.05 1.13
#